data_7ONR
#
_entry.id   7ONR
#
_cell.length_a   49.250
_cell.length_b   93.020
_cell.length_c   164.650
_cell.angle_alpha   90.000
_cell.angle_beta   90.000
_cell.angle_gamma   90.000
#
_symmetry.space_group_name_H-M   'P 21 21 21'
#
loop_
_entity.id
_entity.type
_entity.pdbx_description
1 polymer 'Poly [ADP-ribose] polymerase 1'
2 non-polymer 8-chloranyl-2-[3-[4-(1,5-dimethylimidazol-2-yl)piperazin-1-yl]propyl]-3~{H}-quinazolin-4-one
3 non-polymer 'SULFATE ION'
4 water water
#
_entity_poly.entity_id   1
_entity_poly.type   'polypeptide(L)'
_entity_poly.pdbx_seq_one_letter_code
;GSKSKLPKPVQDLIKMIFDVESMKKAMVEYEIDLQKMPLGKLSKRQIQAAYSILSEVQQAVSQGSSDSQILDLSNRFYTL
IPHDFGMKKPPLLNNADSVQAKAEMLDNLLDIEVAYSLLRGGSDDSSKDPIDVNYEKLKTDIKVVDRDSEEAEIIRKYVK
NTHATTHNAYDLEVIDIFKIEREGECQRYKPFKQLHNRRLLWHGSRTTNFAGILSQGLRIAPPEAPVTGYMFGKGIYFAD
MVSKSANYCHTSQGDPIGLILLGEVALGNMYELKHASHISKLPKGKHSVKGLGKTTPDPSANISLDGVDVPLGTGISSGV
NDTSLLYNEYIVYDIAQVNLKYLLKLKFNFKT
;
_entity_poly.pdbx_strand_id   A,B
#
loop_
_chem_comp.id
_chem_comp.type
_chem_comp.name
_chem_comp.formula
SO4 non-polymer 'SULFATE ION' 'O4 S -2'
VKW non-polymer 8-chloranyl-2-[3-[4-(1,5-dimethylimidazol-2-yl)piperazin-1-yl]propyl]-3~{H}-quinazolin-4-one 'C20 H25 Cl N6 O'
#
# COMPACT_ATOMS: atom_id res chain seq x y z
N LYS A 3 -31.43 -43.07 10.75
CA LYS A 3 -31.85 -41.86 10.04
C LYS A 3 -31.91 -40.63 10.96
N SER A 4 -31.28 -39.53 10.51
CA SER A 4 -31.22 -38.26 11.22
C SER A 4 -32.60 -37.63 11.43
N LYS A 5 -32.80 -36.98 12.58
CA LYS A 5 -34.03 -36.28 12.96
C LYS A 5 -33.90 -34.77 12.69
N LEU A 6 -32.72 -34.31 12.24
CA LEU A 6 -32.44 -32.91 11.90
C LEU A 6 -33.35 -32.45 10.74
N PRO A 7 -33.79 -31.17 10.70
CA PRO A 7 -34.60 -30.72 9.55
C PRO A 7 -33.86 -30.91 8.22
N LYS A 8 -34.61 -31.27 7.15
CA LYS A 8 -34.09 -31.50 5.80
C LYS A 8 -33.14 -30.35 5.32
N PRO A 9 -33.47 -29.02 5.48
CA PRO A 9 -32.50 -27.99 5.07
C PRO A 9 -31.16 -28.03 5.82
N VAL A 10 -31.15 -28.47 7.10
CA VAL A 10 -29.91 -28.61 7.89
C VAL A 10 -29.06 -29.79 7.35
N GLN A 11 -29.72 -30.92 7.03
CA GLN A 11 -29.08 -32.12 6.48
C GLN A 11 -28.40 -31.82 5.13
N ASP A 12 -29.08 -31.02 4.28
CA ASP A 12 -28.57 -30.61 2.97
C ASP A 12 -27.35 -29.71 3.11
N LEU A 13 -27.37 -28.81 4.12
CA LEU A 13 -26.25 -27.92 4.44
C LEU A 13 -25.00 -28.75 4.86
N ILE A 14 -25.16 -29.75 5.77
CA ILE A 14 -24.08 -30.64 6.24
C ILE A 14 -23.45 -31.41 5.05
N LYS A 15 -24.28 -32.00 4.18
CA LYS A 15 -23.81 -32.76 3.01
C LYS A 15 -22.94 -31.88 2.11
N MET A 16 -23.43 -30.68 1.81
CA MET A 16 -22.81 -29.65 0.99
C MET A 16 -21.43 -29.25 1.50
N ILE A 17 -21.31 -28.93 2.82
CA ILE A 17 -20.08 -28.46 3.43
C ILE A 17 -18.99 -29.55 3.63
N PHE A 18 -19.39 -30.82 3.80
CA PHE A 18 -18.44 -31.89 3.98
C PHE A 18 -18.18 -32.72 2.70
N ASP A 19 -18.60 -32.24 1.51
CA ASP A 19 -18.44 -32.97 0.24
C ASP A 19 -16.95 -33.03 -0.23
N VAL A 20 -16.35 -34.24 -0.22
CA VAL A 20 -14.94 -34.49 -0.59
C VAL A 20 -14.64 -34.11 -2.05
N GLU A 21 -15.57 -34.39 -2.99
CA GLU A 21 -15.39 -34.08 -4.41
C GLU A 21 -15.34 -32.56 -4.67
N SER A 22 -16.12 -31.78 -3.90
CA SER A 22 -16.11 -30.32 -4.00
C SER A 22 -14.75 -29.77 -3.52
N MET A 23 -14.13 -30.40 -2.50
CA MET A 23 -12.80 -30.02 -1.98
C MET A 23 -11.75 -30.24 -3.08
N LYS A 24 -11.81 -31.40 -3.78
CA LYS A 24 -10.90 -31.76 -4.90
C LYS A 24 -11.06 -30.78 -6.07
N LYS A 25 -12.33 -30.41 -6.42
CA LYS A 25 -12.66 -29.46 -7.48
C LYS A 25 -12.09 -28.06 -7.19
N ALA A 26 -12.13 -27.61 -5.92
CA ALA A 26 -11.59 -26.30 -5.52
C ALA A 26 -10.07 -26.27 -5.71
N MET A 27 -9.37 -27.38 -5.41
CA MET A 27 -7.94 -27.51 -5.58
C MET A 27 -7.50 -27.54 -7.05
N VAL A 28 -8.30 -28.19 -7.93
CA VAL A 28 -8.03 -28.22 -9.37
C VAL A 28 -8.12 -26.77 -9.91
N GLU A 29 -9.14 -26.00 -9.45
CA GLU A 29 -9.38 -24.60 -9.84
C GLU A 29 -8.14 -23.75 -9.53
N TYR A 30 -7.40 -24.13 -8.47
CA TYR A 30 -6.16 -23.49 -8.04
C TYR A 30 -4.92 -23.99 -8.78
N GLU A 31 -5.11 -24.88 -9.78
CA GLU A 31 -4.05 -25.45 -10.62
C GLU A 31 -3.06 -26.33 -9.85
N ILE A 32 -3.44 -26.78 -8.65
CA ILE A 32 -2.64 -27.69 -7.81
C ILE A 32 -2.65 -29.07 -8.48
N ASP A 33 -1.49 -29.75 -8.49
CA ASP A 33 -1.33 -31.09 -9.05
C ASP A 33 -1.81 -32.09 -8.01
N LEU A 34 -3.02 -32.67 -8.18
CA LEU A 34 -3.59 -33.64 -7.24
C LEU A 34 -2.91 -35.00 -7.24
N GLN A 35 -2.17 -35.33 -8.31
CA GLN A 35 -1.40 -36.58 -8.41
C GLN A 35 -0.15 -36.49 -7.52
N LYS A 36 0.42 -35.29 -7.37
CA LYS A 36 1.61 -35.02 -6.55
C LYS A 36 1.22 -34.56 -5.13
N MET A 37 0.14 -33.72 -5.01
CA MET A 37 -0.37 -33.15 -3.75
C MET A 37 -1.87 -33.48 -3.52
N PRO A 38 -2.24 -34.74 -3.18
CA PRO A 38 -3.67 -35.03 -2.93
C PRO A 38 -4.15 -34.42 -1.61
N LEU A 39 -5.48 -34.34 -1.45
CA LEU A 39 -6.20 -33.83 -0.26
C LEU A 39 -5.59 -34.34 1.06
N GLY A 40 -5.34 -35.65 1.13
CA GLY A 40 -4.79 -36.32 2.32
C GLY A 40 -3.37 -35.97 2.67
N LYS A 41 -2.58 -35.42 1.73
CA LYS A 41 -1.18 -35.04 1.94
C LYS A 41 -1.02 -33.58 2.36
N LEU A 42 -2.09 -32.78 2.26
CA LEU A 42 -2.11 -31.37 2.62
C LEU A 42 -1.91 -31.25 4.14
N SER A 43 -1.00 -30.38 4.64
CA SER A 43 -0.78 -30.17 6.08
C SER A 43 -0.50 -28.71 6.44
N LYS A 44 -0.81 -28.33 7.70
CA LYS A 44 -0.61 -26.99 8.24
C LYS A 44 0.84 -26.52 8.07
N ARG A 45 1.79 -27.42 8.39
CA ARG A 45 3.25 -27.30 8.29
C ARG A 45 3.65 -26.88 6.86
N GLN A 46 3.14 -27.60 5.83
CA GLN A 46 3.45 -27.30 4.43
C GLN A 46 2.89 -25.94 3.97
N ILE A 47 1.63 -25.61 4.36
CA ILE A 47 0.96 -24.34 4.04
C ILE A 47 1.73 -23.16 4.64
N GLN A 48 2.11 -23.28 5.93
CA GLN A 48 2.88 -22.27 6.66
C GLN A 48 4.24 -21.98 5.98
N ALA A 49 4.93 -23.04 5.53
CA ALA A 49 6.22 -22.94 4.83
C ALA A 49 6.01 -22.24 3.48
N ALA A 50 4.87 -22.51 2.80
CA ALA A 50 4.52 -21.87 1.51
C ALA A 50 4.30 -20.35 1.68
N TYR A 51 3.60 -19.92 2.79
CA TYR A 51 3.38 -18.51 3.13
C TYR A 51 4.74 -17.82 3.32
N SER A 52 5.64 -18.47 4.06
CA SER A 52 6.98 -17.96 4.33
C SER A 52 7.81 -17.72 3.05
N ILE A 53 7.67 -18.58 2.02
CA ILE A 53 8.34 -18.41 0.74
C ILE A 53 7.70 -17.21 -0.04
N LEU A 54 6.36 -17.01 0.08
CA LEU A 54 5.67 -15.87 -0.56
C LEU A 54 6.17 -14.54 0.01
N SER A 55 6.53 -14.52 1.31
CA SER A 55 7.05 -13.36 2.02
C SER A 55 8.44 -13.03 1.48
N GLU A 56 9.23 -14.08 1.16
CA GLU A 56 10.54 -13.94 0.54
C GLU A 56 10.39 -13.39 -0.89
N VAL A 57 9.31 -13.80 -1.61
CA VAL A 57 9.02 -13.31 -2.96
C VAL A 57 8.61 -11.82 -2.87
N GLN A 58 7.73 -11.46 -1.89
CA GLN A 58 7.30 -10.07 -1.62
C GLN A 58 8.51 -9.12 -1.39
N GLN A 59 9.50 -9.53 -0.56
CA GLN A 59 10.68 -8.74 -0.25
C GLN A 59 11.55 -8.53 -1.48
N ALA A 60 11.74 -9.58 -2.30
CA ALA A 60 12.51 -9.51 -3.54
C ALA A 60 11.83 -8.55 -4.55
N VAL A 61 10.47 -8.57 -4.63
CA VAL A 61 9.68 -7.69 -5.50
C VAL A 61 9.87 -6.22 -5.08
N SER A 62 9.75 -5.92 -3.75
CA SER A 62 9.90 -4.58 -3.18
C SER A 62 11.34 -4.05 -3.29
N GLN A 63 12.33 -4.96 -3.41
CA GLN A 63 13.75 -4.63 -3.58
C GLN A 63 14.08 -4.36 -5.05
N GLY A 64 13.09 -4.52 -5.93
CA GLY A 64 13.23 -4.34 -7.37
C GLY A 64 14.17 -5.34 -8.01
N SER A 65 14.01 -6.64 -7.68
CA SER A 65 14.84 -7.71 -8.23
C SER A 65 14.41 -8.06 -9.65
N SER A 66 15.38 -8.45 -10.50
CA SER A 66 15.12 -8.85 -11.89
C SER A 66 14.46 -10.24 -11.94
N ASP A 67 13.90 -10.62 -13.12
CA ASP A 67 13.25 -11.91 -13.35
C ASP A 67 14.21 -13.10 -13.17
N SER A 68 15.50 -12.91 -13.52
CA SER A 68 16.55 -13.91 -13.34
C SER A 68 16.86 -14.10 -11.85
N GLN A 69 16.82 -13.00 -11.06
CA GLN A 69 17.07 -13.01 -9.62
C GLN A 69 15.93 -13.68 -8.82
N ILE A 70 14.66 -13.44 -9.23
CA ILE A 70 13.44 -13.97 -8.58
C ILE A 70 13.20 -15.48 -8.88
N LEU A 71 13.71 -16.00 -10.01
CA LEU A 71 13.52 -17.39 -10.48
C LEU A 71 13.63 -18.46 -9.37
N ASP A 72 14.72 -18.46 -8.57
CA ASP A 72 14.94 -19.41 -7.49
C ASP A 72 13.86 -19.31 -6.40
N LEU A 73 13.39 -18.09 -6.09
CA LEU A 73 12.36 -17.89 -5.05
C LEU A 73 10.99 -18.39 -5.57
N SER A 74 10.69 -18.09 -6.84
CA SER A 74 9.45 -18.50 -7.52
C SER A 74 9.37 -20.02 -7.55
N ASN A 75 10.48 -20.68 -7.96
CA ASN A 75 10.59 -22.14 -8.03
C ASN A 75 10.39 -22.82 -6.66
N ARG A 76 10.93 -22.20 -5.59
CA ARG A 76 10.80 -22.65 -4.20
C ARG A 76 9.33 -22.83 -3.81
N PHE A 77 8.47 -21.85 -4.16
CA PHE A 77 7.03 -21.90 -3.86
C PHE A 77 6.38 -23.13 -4.52
N TYR A 78 6.71 -23.37 -5.80
CA TYR A 78 6.21 -24.51 -6.58
C TYR A 78 6.72 -25.85 -6.06
N THR A 79 7.92 -25.90 -5.46
CA THR A 79 8.46 -27.12 -4.86
C THR A 79 7.58 -27.49 -3.66
N LEU A 80 7.19 -26.50 -2.83
CA LEU A 80 6.34 -26.73 -1.65
C LEU A 80 4.89 -27.05 -2.01
N ILE A 81 4.30 -26.32 -2.97
CA ILE A 81 2.92 -26.53 -3.43
C ILE A 81 2.96 -26.90 -4.93
N PRO A 82 3.06 -28.22 -5.25
CA PRO A 82 3.13 -28.60 -6.68
C PRO A 82 1.90 -28.22 -7.52
N HIS A 83 2.17 -27.61 -8.70
CA HIS A 83 1.19 -27.15 -9.66
C HIS A 83 1.16 -28.01 -10.94
N ASP A 84 0.00 -28.01 -11.63
CA ASP A 84 -0.28 -28.81 -12.83
C ASP A 84 0.29 -28.18 -14.09
N PHE A 85 1.55 -28.54 -14.45
CA PHE A 85 2.19 -27.99 -15.65
C PHE A 85 3.00 -29.03 -16.46
N GLY A 86 2.98 -30.29 -16.02
CA GLY A 86 3.64 -31.42 -16.69
C GLY A 86 5.14 -31.29 -16.78
N MET A 87 5.69 -31.33 -18.02
CA MET A 87 7.12 -31.21 -18.33
C MET A 87 7.50 -29.79 -18.81
N LYS A 88 6.64 -28.80 -18.49
CA LYS A 88 6.83 -27.39 -18.82
C LYS A 88 7.29 -26.62 -17.57
N LYS A 89 7.92 -25.45 -17.79
CA LYS A 89 8.30 -24.53 -16.71
C LYS A 89 7.02 -23.82 -16.18
N PRO A 90 6.86 -23.71 -14.85
CA PRO A 90 5.69 -23.01 -14.29
C PRO A 90 5.76 -21.48 -14.50
N PRO A 91 4.63 -20.73 -14.47
CA PRO A 91 4.73 -19.27 -14.64
C PRO A 91 5.44 -18.54 -13.48
N LEU A 92 6.32 -17.56 -13.82
CA LEU A 92 7.09 -16.75 -12.87
C LEU A 92 6.22 -15.90 -11.96
N LEU A 93 6.50 -15.94 -10.65
CA LEU A 93 5.82 -15.16 -9.61
C LEU A 93 6.80 -14.00 -9.36
N ASN A 94 6.75 -12.97 -10.23
CA ASN A 94 7.67 -11.82 -10.20
C ASN A 94 7.00 -10.50 -9.87
N ASN A 95 5.73 -10.51 -9.44
CA ASN A 95 5.00 -9.28 -9.12
C ASN A 95 4.05 -9.40 -7.94
N ALA A 96 3.49 -8.25 -7.52
CA ALA A 96 2.54 -8.09 -6.41
C ALA A 96 1.24 -8.87 -6.63
N ASP A 97 0.67 -8.83 -7.86
CA ASP A 97 -0.57 -9.54 -8.20
C ASP A 97 -0.45 -11.06 -8.01
N SER A 98 0.73 -11.62 -8.33
CA SER A 98 1.09 -13.04 -8.22
C SER A 98 1.12 -13.46 -6.76
N VAL A 99 1.77 -12.64 -5.91
CA VAL A 99 1.89 -12.86 -4.47
C VAL A 99 0.48 -12.87 -3.85
N GLN A 100 -0.37 -11.88 -4.22
CA GLN A 100 -1.75 -11.76 -3.72
C GLN A 100 -2.62 -12.97 -4.14
N ALA A 101 -2.49 -13.44 -5.39
CA ALA A 101 -3.29 -14.57 -5.87
C ALA A 101 -2.89 -15.85 -5.09
N LYS A 102 -1.59 -16.05 -4.85
CA LYS A 102 -1.10 -17.21 -4.12
C LYS A 102 -1.42 -17.13 -2.62
N ALA A 103 -1.46 -15.91 -2.01
CA ALA A 103 -1.79 -15.78 -0.59
C ALA A 103 -3.24 -16.15 -0.35
N GLU A 104 -4.12 -15.72 -1.29
CA GLU A 104 -5.55 -16.01 -1.27
C GLU A 104 -5.80 -17.51 -1.35
N MET A 105 -5.05 -18.22 -2.22
CA MET A 105 -5.17 -19.68 -2.37
C MET A 105 -4.80 -20.40 -1.06
N LEU A 106 -3.70 -19.97 -0.39
CA LEU A 106 -3.24 -20.56 0.87
C LEU A 106 -4.25 -20.37 2.00
N ASP A 107 -4.92 -19.18 2.06
CA ASP A 107 -6.01 -18.87 3.01
C ASP A 107 -7.12 -19.94 2.87
N ASN A 108 -7.49 -20.28 1.61
CA ASN A 108 -8.50 -21.30 1.30
C ASN A 108 -8.03 -22.72 1.67
N LEU A 109 -6.76 -23.07 1.37
CA LEU A 109 -6.17 -24.39 1.70
C LEU A 109 -6.26 -24.69 3.22
N LEU A 110 -6.11 -23.66 4.07
CA LEU A 110 -6.18 -23.79 5.52
C LEU A 110 -7.55 -24.27 6.00
N ASP A 111 -8.64 -23.76 5.38
CA ASP A 111 -10.01 -24.18 5.70
C ASP A 111 -10.32 -25.57 5.14
N ILE A 112 -9.77 -25.89 3.95
CA ILE A 112 -9.94 -27.20 3.32
C ILE A 112 -9.23 -28.26 4.19
N GLU A 113 -8.01 -27.95 4.72
CA GLU A 113 -7.26 -28.88 5.59
C GLU A 113 -8.04 -29.17 6.87
N VAL A 114 -8.68 -28.14 7.48
CA VAL A 114 -9.50 -28.30 8.70
C VAL A 114 -10.67 -29.27 8.42
N ALA A 115 -11.42 -29.06 7.31
CA ALA A 115 -12.57 -29.90 6.93
C ALA A 115 -12.18 -31.37 6.77
N TYR A 116 -11.08 -31.63 6.05
CA TYR A 116 -10.58 -32.98 5.82
C TYR A 116 -10.11 -33.63 7.13
N SER A 117 -9.40 -32.85 8.01
CA SER A 117 -8.94 -33.34 9.31
C SER A 117 -10.10 -33.80 10.23
N LEU A 118 -11.26 -33.10 10.18
CA LEU A 118 -12.47 -33.47 10.94
C LEU A 118 -13.04 -34.82 10.46
N LEU A 119 -13.10 -35.00 9.14
CA LEU A 119 -13.60 -36.22 8.51
C LEU A 119 -12.73 -37.47 8.84
N ARG A 120 -11.39 -37.31 8.92
CA ARG A 120 -10.45 -38.40 9.16
C ARG A 120 -10.11 -38.70 10.64
N GLY A 121 -10.14 -37.68 11.49
CA GLY A 121 -9.72 -37.80 12.88
C GLY A 121 -10.67 -38.33 13.93
N GLY A 122 -11.81 -38.87 13.54
CA GLY A 122 -12.76 -39.36 14.52
C GLY A 122 -12.93 -40.87 14.61
N SER A 123 -14.15 -41.27 14.96
CA SER A 123 -14.57 -42.65 15.16
C SER A 123 -15.54 -43.10 14.04
N ASP A 124 -15.56 -44.42 13.77
CA ASP A 124 -16.41 -45.05 12.77
C ASP A 124 -17.45 -45.97 13.44
N ASP A 125 -18.74 -45.66 13.23
CA ASP A 125 -19.90 -46.38 13.78
C ASP A 125 -21.03 -46.36 12.73
N SER A 126 -21.23 -47.52 12.05
CA SER A 126 -22.24 -47.77 10.99
C SER A 126 -23.69 -47.59 11.43
N SER A 127 -23.97 -47.80 12.73
CA SER A 127 -25.31 -47.68 13.30
C SER A 127 -25.81 -46.22 13.37
N LYS A 128 -24.89 -45.24 13.28
CA LYS A 128 -25.23 -43.80 13.32
C LYS A 128 -25.31 -43.20 11.93
N ASP A 129 -26.23 -42.25 11.71
CA ASP A 129 -26.36 -41.58 10.41
C ASP A 129 -25.13 -40.66 10.25
N PRO A 130 -24.37 -40.75 9.11
CA PRO A 130 -23.18 -39.89 8.94
C PRO A 130 -23.46 -38.38 9.03
N ILE A 131 -24.68 -37.93 8.63
CA ILE A 131 -25.10 -36.51 8.69
C ILE A 131 -25.03 -36.01 10.16
N ASP A 132 -25.54 -36.81 11.11
CA ASP A 132 -25.53 -36.51 12.55
C ASP A 132 -24.09 -36.49 13.10
N VAL A 133 -23.25 -37.47 12.64
CA VAL A 133 -21.84 -37.58 13.04
C VAL A 133 -21.09 -36.29 12.62
N ASN A 134 -21.22 -35.90 11.34
CA ASN A 134 -20.58 -34.69 10.80
C ASN A 134 -21.10 -33.39 11.43
N TYR A 135 -22.42 -33.33 11.77
CA TYR A 135 -23.03 -32.17 12.43
C TYR A 135 -22.34 -31.89 13.78
N GLU A 136 -22.15 -32.93 14.60
CA GLU A 136 -21.53 -32.82 15.93
C GLU A 136 -20.07 -32.30 15.87
N LYS A 137 -19.33 -32.61 14.78
CA LYS A 137 -17.94 -32.14 14.58
C LYS A 137 -17.84 -30.62 14.40
N LEU A 138 -18.95 -29.96 14.03
CA LEU A 138 -18.98 -28.52 13.83
C LEU A 138 -19.05 -27.71 15.15
N LYS A 139 -19.51 -28.34 16.26
CA LYS A 139 -19.70 -27.73 17.61
C LYS A 139 -20.45 -26.36 17.48
N THR A 140 -21.53 -26.38 16.67
CA THR A 140 -22.38 -25.23 16.35
C THR A 140 -23.84 -25.66 16.36
N ASP A 141 -24.66 -24.90 17.08
CA ASP A 141 -26.09 -25.12 17.07
C ASP A 141 -26.65 -24.42 15.80
N ILE A 142 -27.27 -25.20 14.91
CA ILE A 142 -27.84 -24.71 13.66
C ILE A 142 -29.37 -24.90 13.67
N LYS A 143 -30.12 -23.79 13.52
CA LYS A 143 -31.58 -23.81 13.52
C LYS A 143 -32.13 -23.11 12.28
N VAL A 144 -33.28 -23.59 11.77
CA VAL A 144 -33.95 -22.99 10.60
C VAL A 144 -34.79 -21.80 11.07
N VAL A 145 -34.63 -20.64 10.41
CA VAL A 145 -35.41 -19.44 10.71
C VAL A 145 -36.71 -19.54 9.87
N ASP A 146 -37.88 -19.41 10.53
CA ASP A 146 -39.21 -19.42 9.91
C ASP A 146 -39.35 -18.26 8.92
N ARG A 147 -39.73 -18.54 7.67
CA ARG A 147 -39.91 -17.54 6.58
C ARG A 147 -40.84 -16.37 6.95
N ASP A 148 -41.90 -16.66 7.72
CA ASP A 148 -42.91 -15.67 8.12
C ASP A 148 -42.55 -14.90 9.40
N SER A 149 -41.34 -15.10 9.95
CA SER A 149 -40.88 -14.39 11.15
C SER A 149 -40.37 -12.97 10.83
N GLU A 150 -40.24 -12.12 11.87
CA GLU A 150 -39.75 -10.73 11.75
C GLU A 150 -38.27 -10.68 11.33
N GLU A 151 -37.41 -11.53 11.94
CA GLU A 151 -35.99 -11.58 11.62
C GLU A 151 -35.74 -12.03 10.17
N ALA A 152 -36.59 -12.94 9.62
CA ALA A 152 -36.52 -13.38 8.22
C ALA A 152 -36.91 -12.23 7.28
N GLU A 153 -37.91 -11.39 7.69
CA GLU A 153 -38.36 -10.22 6.92
C GLU A 153 -37.24 -9.17 6.80
N ILE A 154 -36.54 -8.90 7.93
CA ILE A 154 -35.43 -7.95 7.97
C ILE A 154 -34.25 -8.46 7.07
N ILE A 155 -33.88 -9.75 7.20
CA ILE A 155 -32.81 -10.39 6.42
C ILE A 155 -33.11 -10.34 4.91
N ARG A 156 -34.36 -10.68 4.50
CA ARG A 156 -34.80 -10.63 3.09
C ARG A 156 -34.74 -9.22 2.52
N LYS A 157 -35.08 -8.20 3.34
CA LYS A 157 -35.02 -6.78 2.97
C LYS A 157 -33.56 -6.34 2.71
N TYR A 158 -32.61 -6.78 3.57
CA TYR A 158 -31.17 -6.49 3.45
C TYR A 158 -30.63 -7.04 2.10
N VAL A 159 -30.99 -8.30 1.72
CA VAL A 159 -30.64 -8.95 0.45
C VAL A 159 -31.27 -8.15 -0.75
N LYS A 160 -32.59 -7.88 -0.65
CA LYS A 160 -33.33 -7.19 -1.70
C LYS A 160 -32.80 -5.76 -2.01
N ASN A 161 -32.43 -4.96 -0.98
CA ASN A 161 -31.99 -3.57 -1.11
C ASN A 161 -30.52 -3.30 -1.39
N THR A 162 -29.59 -4.28 -1.18
CA THR A 162 -28.16 -3.96 -1.30
C THR A 162 -27.44 -4.72 -2.41
N HIS A 163 -28.12 -5.01 -3.53
CA HIS A 163 -27.49 -5.62 -4.70
C HIS A 163 -27.08 -4.45 -5.62
N ALA A 164 -25.77 -4.23 -5.82
CA ALA A 164 -25.25 -3.14 -6.63
C ALA A 164 -25.55 -3.30 -8.13
N THR A 165 -25.83 -2.15 -8.82
CA THR A 165 -26.10 -2.06 -10.26
C THR A 165 -24.89 -2.57 -11.07
N THR A 166 -23.66 -2.34 -10.58
CA THR A 166 -22.41 -2.80 -11.23
C THR A 166 -22.22 -4.33 -11.13
N HIS A 167 -23.04 -5.01 -10.29
CA HIS A 167 -22.98 -6.46 -10.11
C HIS A 167 -24.23 -7.12 -10.77
N ASN A 168 -24.63 -6.63 -11.96
CA ASN A 168 -25.86 -7.08 -12.64
C ASN A 168 -25.70 -8.34 -13.53
N ALA A 169 -24.59 -9.09 -13.40
CA ALA A 169 -24.40 -10.35 -14.15
C ALA A 169 -25.34 -11.45 -13.61
N TYR A 170 -25.81 -11.28 -12.35
CA TYR A 170 -26.72 -12.22 -11.68
C TYR A 170 -27.70 -11.53 -10.72
N ASP A 171 -28.75 -12.25 -10.33
CA ASP A 171 -29.68 -11.84 -9.28
C ASP A 171 -29.65 -12.95 -8.22
N LEU A 172 -30.07 -12.63 -6.98
CA LEU A 172 -30.00 -13.57 -5.87
C LEU A 172 -31.35 -13.97 -5.36
N GLU A 173 -31.47 -15.24 -4.97
CA GLU A 173 -32.69 -15.78 -4.37
C GLU A 173 -32.30 -16.47 -3.05
N VAL A 174 -32.94 -16.06 -1.94
CA VAL A 174 -32.67 -16.66 -0.62
C VAL A 174 -33.42 -18.00 -0.54
N ILE A 175 -32.69 -19.12 -0.42
CA ILE A 175 -33.30 -20.44 -0.30
C ILE A 175 -33.62 -20.74 1.17
N ASP A 176 -32.59 -20.74 2.04
CA ASP A 176 -32.76 -21.03 3.48
C ASP A 176 -32.00 -20.04 4.34
N ILE A 177 -32.57 -19.75 5.53
CA ILE A 177 -31.95 -18.86 6.54
C ILE A 177 -31.73 -19.69 7.80
N PHE A 178 -30.48 -19.76 8.25
CA PHE A 178 -30.10 -20.51 9.45
C PHE A 178 -29.62 -19.57 10.52
N LYS A 179 -30.04 -19.78 11.76
CA LYS A 179 -29.56 -19.04 12.93
C LYS A 179 -28.45 -19.94 13.50
N ILE A 180 -27.24 -19.37 13.70
CA ILE A 180 -26.09 -20.15 14.14
C ILE A 180 -25.48 -19.64 15.45
N GLU A 181 -24.99 -20.59 16.25
CA GLU A 181 -24.38 -20.34 17.55
C GLU A 181 -23.16 -21.26 17.74
N ARG A 182 -21.96 -20.73 17.44
CA ARG A 182 -20.68 -21.44 17.60
C ARG A 182 -20.38 -21.56 19.10
N GLU A 183 -19.96 -22.75 19.56
CA GLU A 183 -19.63 -22.98 20.98
C GLU A 183 -18.50 -22.05 21.43
N GLY A 184 -18.73 -21.37 22.55
CA GLY A 184 -17.78 -20.45 23.17
C GLY A 184 -17.60 -19.08 22.55
N GLU A 185 -18.22 -18.81 21.38
CA GLU A 185 -18.12 -17.52 20.68
C GLU A 185 -18.75 -16.36 21.47
N CYS A 186 -19.95 -16.58 22.03
CA CYS A 186 -20.67 -15.59 22.85
C CYS A 186 -19.81 -15.12 24.05
N GLN A 187 -19.13 -16.07 24.72
CA GLN A 187 -18.24 -15.82 25.85
C GLN A 187 -16.98 -15.07 25.40
N ARG A 188 -16.43 -15.41 24.21
CA ARG A 188 -15.24 -14.78 23.60
C ARG A 188 -15.51 -13.29 23.25
N TYR A 189 -16.73 -13.00 22.77
CA TYR A 189 -17.22 -11.70 22.35
C TYR A 189 -17.57 -10.73 23.50
N LYS A 190 -17.81 -11.25 24.72
CA LYS A 190 -18.18 -10.47 25.92
C LYS A 190 -17.42 -9.10 26.14
N PRO A 191 -16.06 -8.95 26.00
CA PRO A 191 -15.46 -7.61 26.19
C PRO A 191 -15.89 -6.55 25.15
N PHE A 192 -16.48 -6.98 24.02
CA PHE A 192 -16.89 -6.13 22.91
C PHE A 192 -18.42 -5.99 22.74
N LYS A 193 -19.21 -6.70 23.57
CA LYS A 193 -20.68 -6.75 23.45
C LYS A 193 -21.40 -5.40 23.62
N GLN A 194 -20.78 -4.43 24.32
CA GLN A 194 -21.38 -3.10 24.56
C GLN A 194 -20.64 -1.95 23.86
N LEU A 195 -19.65 -2.28 22.99
CA LEU A 195 -18.89 -1.30 22.23
C LEU A 195 -19.80 -0.57 21.25
N HIS A 196 -19.48 0.70 20.93
CA HIS A 196 -20.28 1.48 19.98
C HIS A 196 -19.96 0.99 18.56
N ASN A 197 -20.79 1.39 17.58
CA ASN A 197 -20.68 1.01 16.17
C ASN A 197 -20.70 -0.52 15.95
N ARG A 198 -21.64 -1.22 16.59
CA ARG A 198 -21.85 -2.65 16.36
C ARG A 198 -22.79 -2.74 15.15
N ARG A 199 -22.38 -3.47 14.10
CA ARG A 199 -23.15 -3.57 12.86
C ARG A 199 -23.30 -4.99 12.36
N LEU A 200 -24.44 -5.29 11.72
CA LEU A 200 -24.73 -6.60 11.12
C LEU A 200 -24.24 -6.54 9.68
N LEU A 201 -23.16 -7.27 9.37
CA LEU A 201 -22.48 -7.22 8.06
C LEU A 201 -22.33 -8.58 7.38
N TRP A 202 -22.17 -8.56 6.04
CA TRP A 202 -22.01 -9.73 5.18
C TRP A 202 -20.57 -10.23 5.09
N HIS A 203 -20.40 -11.55 4.91
CA HIS A 203 -19.11 -12.21 4.67
C HIS A 203 -19.36 -13.38 3.74
N GLY A 204 -18.87 -13.25 2.52
CA GLY A 204 -18.96 -14.27 1.48
C GLY A 204 -17.68 -15.09 1.41
N SER A 205 -17.82 -16.38 1.12
CA SER A 205 -16.70 -17.32 1.06
C SER A 205 -17.10 -18.54 0.24
N ARG A 206 -16.10 -19.28 -0.32
CA ARG A 206 -16.39 -20.50 -1.07
C ARG A 206 -17.03 -21.55 -0.17
N THR A 207 -17.92 -22.40 -0.73
CA THR A 207 -18.65 -23.45 -0.02
C THR A 207 -17.69 -24.38 0.77
N THR A 208 -16.54 -24.71 0.18
CA THR A 208 -15.48 -25.54 0.77
C THR A 208 -14.79 -24.96 2.03
N ASN A 209 -15.05 -23.67 2.39
CA ASN A 209 -14.46 -23.06 3.60
C ASN A 209 -15.39 -23.14 4.83
N PHE A 210 -16.67 -23.46 4.61
CA PHE A 210 -17.68 -23.39 5.66
C PHE A 210 -17.53 -24.42 6.81
N ALA A 211 -16.95 -25.63 6.60
CA ALA A 211 -16.72 -26.57 7.73
C ALA A 211 -15.64 -26.00 8.65
N GLY A 212 -14.66 -25.36 8.04
CA GLY A 212 -13.57 -24.67 8.74
C GLY A 212 -14.06 -23.45 9.49
N ILE A 213 -14.97 -22.66 8.88
CA ILE A 213 -15.54 -21.46 9.50
C ILE A 213 -16.42 -21.83 10.71
N LEU A 214 -17.31 -22.82 10.57
CA LEU A 214 -18.20 -23.19 11.68
C LEU A 214 -17.45 -23.81 12.87
N SER A 215 -16.45 -24.66 12.61
CA SER A 215 -15.68 -25.25 13.71
C SER A 215 -14.66 -24.30 14.36
N GLN A 216 -13.90 -23.52 13.56
CA GLN A 216 -12.85 -22.62 14.08
C GLN A 216 -13.21 -21.11 14.14
N GLY A 217 -14.26 -20.71 13.44
CA GLY A 217 -14.69 -19.32 13.33
C GLY A 217 -13.92 -18.60 12.24
N LEU A 218 -14.22 -17.32 12.02
CA LEU A 218 -13.47 -16.52 11.05
C LEU A 218 -12.09 -16.19 11.65
N ARG A 219 -11.03 -16.44 10.88
CA ARG A 219 -9.63 -16.26 11.33
C ARG A 219 -8.85 -15.29 10.46
N ILE A 220 -7.79 -14.71 11.04
CA ILE A 220 -6.85 -13.80 10.36
C ILE A 220 -5.71 -14.63 9.74
N ALA A 221 -5.15 -14.17 8.59
CA ALA A 221 -3.98 -14.83 7.95
C ALA A 221 -2.81 -14.89 8.98
N PRO A 222 -2.01 -15.98 9.02
CA PRO A 222 -0.97 -16.09 10.08
C PRO A 222 0.24 -15.14 9.95
N PRO A 223 1.14 -15.04 10.98
CA PRO A 223 2.31 -14.14 10.85
C PRO A 223 3.24 -14.40 9.65
N GLU A 224 3.33 -15.67 9.19
CA GLU A 224 4.14 -16.09 8.04
C GLU A 224 3.62 -15.50 6.72
N ALA A 225 2.30 -15.21 6.64
CA ALA A 225 1.64 -14.67 5.45
C ALA A 225 2.15 -13.27 5.03
N PRO A 226 2.26 -12.97 3.70
CA PRO A 226 2.74 -11.63 3.28
C PRO A 226 1.65 -10.54 3.43
N VAL A 227 1.90 -9.52 4.28
CA VAL A 227 0.97 -8.41 4.58
C VAL A 227 0.54 -7.61 3.31
N THR A 228 1.41 -7.53 2.28
CA THR A 228 1.12 -6.79 1.03
C THR A 228 0.12 -7.55 0.13
N GLY A 229 -0.15 -8.81 0.43
CA GLY A 229 -1.12 -9.60 -0.31
C GLY A 229 -2.55 -9.34 0.12
N TYR A 230 -2.73 -8.42 1.09
CA TYR A 230 -4.02 -8.03 1.65
C TYR A 230 -4.14 -6.48 1.66
N MET A 231 -5.14 -5.92 0.94
CA MET A 231 -5.36 -4.47 0.76
C MET A 231 -5.22 -3.62 2.05
N PHE A 232 -5.82 -4.10 3.16
CA PHE A 232 -5.76 -3.39 4.44
C PHE A 232 -5.08 -4.24 5.53
N GLY A 233 -4.18 -5.12 5.13
CA GLY A 233 -3.45 -5.97 6.07
C GLY A 233 -4.22 -7.21 6.46
N LYS A 234 -3.70 -7.93 7.45
CA LYS A 234 -4.24 -9.22 7.89
C LYS A 234 -5.32 -9.09 8.98
N GLY A 235 -6.55 -8.94 8.52
CA GLY A 235 -7.74 -8.85 9.34
C GLY A 235 -8.87 -9.68 8.78
N ILE A 236 -10.10 -9.45 9.27
CA ILE A 236 -11.30 -10.14 8.80
C ILE A 236 -12.15 -9.10 8.06
N TYR A 237 -12.44 -9.36 6.76
CA TYR A 237 -13.12 -8.45 5.84
C TYR A 237 -14.63 -8.66 5.69
N PHE A 238 -15.42 -7.56 5.75
CA PHE A 238 -16.88 -7.57 5.65
C PHE A 238 -17.37 -6.46 4.71
N ALA A 239 -18.61 -6.61 4.20
CA ALA A 239 -19.24 -5.61 3.34
C ALA A 239 -20.66 -5.29 3.85
N ASP A 240 -21.19 -4.11 3.49
CA ASP A 240 -22.59 -3.73 3.80
C ASP A 240 -23.50 -3.94 2.57
N MET A 241 -22.91 -4.31 1.41
CA MET A 241 -23.65 -4.59 0.16
C MET A 241 -23.60 -6.12 -0.06
N VAL A 242 -24.78 -6.79 -0.15
CA VAL A 242 -24.89 -8.25 -0.30
C VAL A 242 -24.11 -8.77 -1.55
N SER A 243 -24.18 -8.05 -2.68
CA SER A 243 -23.52 -8.44 -3.93
C SER A 243 -21.98 -8.35 -3.87
N LYS A 244 -21.42 -7.43 -3.06
CA LYS A 244 -19.96 -7.32 -2.90
C LYS A 244 -19.40 -8.58 -2.20
N SER A 245 -20.10 -9.07 -1.17
CA SER A 245 -19.72 -10.30 -0.48
C SER A 245 -20.07 -11.56 -1.30
N ALA A 246 -21.23 -11.56 -2.03
CA ALA A 246 -21.66 -12.72 -2.84
C ALA A 246 -20.70 -13.04 -3.98
N ASN A 247 -19.95 -12.04 -4.48
CA ASN A 247 -18.95 -12.23 -5.52
C ASN A 247 -17.84 -13.16 -5.04
N TYR A 248 -17.54 -13.15 -3.73
CA TYR A 248 -16.52 -13.96 -3.09
C TYR A 248 -16.95 -15.43 -2.85
N CYS A 249 -18.20 -15.80 -3.21
CA CYS A 249 -18.67 -17.18 -3.12
C CYS A 249 -18.05 -18.00 -4.28
N HIS A 250 -17.68 -17.31 -5.38
CA HIS A 250 -17.09 -17.89 -6.59
C HIS A 250 -18.00 -19.00 -7.21
N THR A 251 -19.32 -18.73 -7.26
CA THR A 251 -20.36 -19.57 -7.86
C THR A 251 -20.32 -19.29 -9.38
N SER A 252 -20.91 -20.20 -10.17
CA SER A 252 -20.96 -20.11 -11.64
C SER A 252 -22.17 -20.85 -12.16
N GLN A 253 -22.32 -20.92 -13.49
CA GLN A 253 -23.42 -21.62 -14.14
C GLN A 253 -23.35 -23.14 -13.85
N GLY A 254 -22.13 -23.65 -13.64
CA GLY A 254 -21.86 -25.04 -13.31
C GLY A 254 -21.93 -25.39 -11.84
N ASP A 255 -22.12 -24.39 -10.93
CA ASP A 255 -22.28 -24.51 -9.48
C ASP A 255 -23.01 -23.25 -8.99
N PRO A 256 -24.35 -23.09 -9.20
CA PRO A 256 -24.98 -21.80 -8.87
C PRO A 256 -25.46 -21.61 -7.43
N ILE A 257 -25.12 -22.52 -6.51
CA ILE A 257 -25.55 -22.46 -5.11
C ILE A 257 -24.36 -22.05 -4.27
N GLY A 258 -24.56 -21.05 -3.42
CA GLY A 258 -23.52 -20.54 -2.53
C GLY A 258 -23.99 -20.27 -1.13
N LEU A 259 -23.04 -19.99 -0.22
CA LEU A 259 -23.32 -19.70 1.18
C LEU A 259 -22.75 -18.35 1.59
N ILE A 260 -23.47 -17.62 2.44
CA ILE A 260 -23.04 -16.30 2.91
C ILE A 260 -23.32 -16.14 4.41
N LEU A 261 -22.48 -15.38 5.13
CA LEU A 261 -22.70 -15.14 6.56
C LEU A 261 -23.20 -13.74 6.85
N LEU A 262 -23.95 -13.61 7.95
CA LEU A 262 -24.36 -12.35 8.55
C LEU A 262 -23.75 -12.38 9.96
N GLY A 263 -22.81 -11.48 10.22
CA GLY A 263 -22.16 -11.42 11.52
C GLY A 263 -22.32 -10.09 12.21
N GLU A 264 -22.34 -10.11 13.55
CA GLU A 264 -22.37 -8.89 14.36
C GLU A 264 -20.89 -8.51 14.55
N VAL A 265 -20.49 -7.32 14.03
CA VAL A 265 -19.09 -6.86 14.12
C VAL A 265 -18.98 -5.62 15.03
N ALA A 266 -18.11 -5.68 16.05
CA ALA A 266 -17.88 -4.55 16.98
C ALA A 266 -16.80 -3.63 16.38
N LEU A 267 -17.24 -2.61 15.65
CA LEU A 267 -16.36 -1.67 14.91
C LEU A 267 -15.72 -0.59 15.79
N GLY A 268 -16.45 -0.11 16.80
CA GLY A 268 -15.97 0.95 17.68
C GLY A 268 -15.52 2.18 16.92
N ASN A 269 -14.32 2.68 17.28
CA ASN A 269 -13.68 3.83 16.65
C ASN A 269 -13.02 3.39 15.34
N MET A 270 -13.63 3.79 14.19
CA MET A 270 -13.17 3.40 12.85
C MET A 270 -12.04 4.26 12.29
N TYR A 271 -11.02 3.61 11.68
CA TYR A 271 -9.90 4.29 11.01
C TYR A 271 -10.28 4.29 9.52
N GLU A 272 -10.68 5.47 9.02
CA GLU A 272 -11.21 5.64 7.65
C GLU A 272 -10.13 5.85 6.60
N LEU A 273 -10.09 4.95 5.60
CA LEU A 273 -9.10 4.91 4.52
C LEU A 273 -9.73 4.85 3.14
N LYS A 274 -9.06 5.50 2.17
CA LYS A 274 -9.50 5.58 0.77
C LYS A 274 -8.70 4.66 -0.18
N HIS A 275 -7.44 4.35 0.17
CA HIS A 275 -6.52 3.55 -0.66
C HIS A 275 -5.79 2.49 0.18
N ALA A 276 -5.08 1.56 -0.50
CA ALA A 276 -4.36 0.46 0.17
C ALA A 276 -3.40 0.93 1.26
N SER A 277 -3.40 0.20 2.36
CA SER A 277 -2.56 0.46 3.52
C SER A 277 -2.32 -0.90 4.18
N HIS A 278 -1.13 -1.49 3.93
CA HIS A 278 -0.75 -2.83 4.41
C HIS A 278 -0.27 -2.76 5.86
N ILE A 279 -1.21 -2.51 6.78
CA ILE A 279 -0.93 -2.29 8.20
C ILE A 279 -0.75 -3.58 8.98
N SER A 280 0.17 -3.54 9.96
CA SER A 280 0.46 -4.63 10.90
C SER A 280 -0.40 -4.43 12.17
N LYS A 281 -0.64 -3.18 12.56
CA LYS A 281 -1.40 -2.83 13.76
C LYS A 281 -2.23 -1.58 13.51
N LEU A 282 -3.32 -1.39 14.26
CA LEU A 282 -4.16 -0.20 14.14
C LEU A 282 -3.54 0.95 14.92
N PRO A 283 -3.79 2.23 14.53
CA PRO A 283 -3.30 3.35 15.34
C PRO A 283 -3.98 3.37 16.71
N LYS A 284 -3.32 3.93 17.73
CA LYS A 284 -3.83 4.00 19.10
C LYS A 284 -5.26 4.57 19.18
N GLY A 285 -6.12 3.84 19.88
CA GLY A 285 -7.52 4.21 20.06
C GLY A 285 -8.49 3.74 18.99
N LYS A 286 -7.99 3.16 17.88
CA LYS A 286 -8.82 2.63 16.78
C LYS A 286 -9.15 1.14 16.98
N HIS A 287 -10.37 0.73 16.61
CA HIS A 287 -10.81 -0.67 16.78
C HIS A 287 -11.03 -1.42 15.47
N SER A 288 -11.15 -0.68 14.35
CA SER A 288 -11.38 -1.24 13.04
C SER A 288 -10.92 -0.31 11.92
N VAL A 289 -10.99 -0.80 10.67
CA VAL A 289 -10.71 0.00 9.47
C VAL A 289 -12.01 0.07 8.66
N LYS A 290 -12.35 1.29 8.19
CA LYS A 290 -13.45 1.43 7.25
C LYS A 290 -12.87 1.90 5.90
N GLY A 291 -12.96 1.04 4.90
CA GLY A 291 -12.58 1.37 3.53
C GLY A 291 -13.73 2.16 2.95
N LEU A 292 -13.51 3.45 2.69
CA LEU A 292 -14.59 4.36 2.23
C LEU A 292 -14.99 4.15 0.78
N GLY A 293 -16.23 3.74 0.60
CA GLY A 293 -16.79 3.54 -0.73
C GLY A 293 -17.44 4.80 -1.28
N LYS A 294 -17.54 4.85 -2.63
CA LYS A 294 -18.19 5.93 -3.40
C LYS A 294 -19.72 5.91 -3.13
N THR A 295 -20.26 4.71 -2.91
CA THR A 295 -21.68 4.44 -2.61
C THR A 295 -21.80 3.82 -1.23
N THR A 296 -22.87 4.17 -0.53
CA THR A 296 -23.18 3.67 0.80
C THR A 296 -24.70 3.37 0.92
N PRO A 297 -25.15 2.37 1.71
CA PRO A 297 -26.60 2.21 1.92
C PRO A 297 -27.15 3.49 2.59
N ASP A 298 -28.36 3.95 2.22
CA ASP A 298 -28.95 5.16 2.80
C ASP A 298 -28.97 5.15 4.35
N PRO A 299 -28.21 6.04 5.05
CA PRO A 299 -28.18 6.03 6.53
C PRO A 299 -29.50 6.30 7.25
N SER A 300 -30.45 7.01 6.61
CA SER A 300 -31.76 7.28 7.22
C SER A 300 -32.65 6.02 7.23
N ALA A 301 -32.27 4.99 6.47
CA ALA A 301 -32.99 3.72 6.38
C ALA A 301 -32.40 2.62 7.28
N ASN A 302 -31.40 2.98 8.12
CA ASN A 302 -30.76 2.08 9.10
C ASN A 302 -31.79 1.63 10.13
N ILE A 303 -31.87 0.30 10.36
CA ILE A 303 -32.79 -0.30 11.33
C ILE A 303 -32.02 -1.10 12.40
N SER A 304 -32.69 -1.46 13.50
CA SER A 304 -32.10 -2.23 14.59
C SER A 304 -32.73 -3.63 14.72
N LEU A 305 -31.88 -4.68 14.78
CA LEU A 305 -32.26 -6.09 14.98
C LEU A 305 -31.50 -6.60 16.21
N ASP A 306 -32.22 -6.74 17.35
CA ASP A 306 -31.69 -7.17 18.65
C ASP A 306 -30.56 -6.23 19.15
N GLY A 307 -30.78 -4.92 19.02
CA GLY A 307 -29.85 -3.88 19.45
C GLY A 307 -28.66 -3.62 18.54
N VAL A 308 -28.57 -4.34 17.40
CA VAL A 308 -27.48 -4.20 16.43
C VAL A 308 -28.01 -3.48 15.18
N ASP A 309 -27.25 -2.47 14.69
CA ASP A 309 -27.61 -1.71 13.49
C ASP A 309 -27.46 -2.52 12.20
N VAL A 310 -28.50 -2.48 11.36
CA VAL A 310 -28.60 -3.18 10.07
C VAL A 310 -28.63 -2.11 8.96
N PRO A 311 -27.52 -1.92 8.20
CA PRO A 311 -27.54 -0.89 7.13
C PRO A 311 -28.20 -1.42 5.85
N LEU A 312 -29.52 -1.65 5.89
CA LEU A 312 -30.26 -2.21 4.75
C LEU A 312 -30.87 -1.16 3.76
N GLY A 313 -30.42 0.09 3.80
CA GLY A 313 -30.91 1.10 2.87
C GLY A 313 -30.41 0.90 1.44
N THR A 314 -31.11 1.48 0.44
CA THR A 314 -30.66 1.39 -0.97
C THR A 314 -29.42 2.28 -1.17
N GLY A 315 -28.56 1.93 -2.12
CA GLY A 315 -27.32 2.64 -2.35
C GLY A 315 -27.46 4.08 -2.84
N ILE A 316 -26.79 5.03 -2.16
CA ILE A 316 -26.75 6.47 -2.51
C ILE A 316 -25.30 6.95 -2.47
N SER A 317 -24.99 8.13 -3.05
CA SER A 317 -23.64 8.69 -3.02
C SER A 317 -23.20 8.97 -1.56
N SER A 318 -21.97 8.55 -1.21
CA SER A 318 -21.39 8.79 0.11
C SER A 318 -20.88 10.22 0.27
N GLY A 319 -20.55 10.86 -0.85
CA GLY A 319 -19.98 12.20 -0.86
C GLY A 319 -18.46 12.17 -0.84
N VAL A 320 -17.88 10.95 -0.66
CA VAL A 320 -16.44 10.70 -0.62
C VAL A 320 -15.87 10.75 -2.05
N ASN A 321 -14.87 11.60 -2.27
CA ASN A 321 -14.22 11.78 -3.58
C ASN A 321 -12.83 11.18 -3.62
N ASP A 322 -12.40 10.73 -4.82
CA ASP A 322 -11.07 10.19 -5.13
C ASP A 322 -10.67 8.99 -4.23
N THR A 323 -11.55 7.99 -4.21
CA THR A 323 -11.35 6.76 -3.45
C THR A 323 -11.18 5.59 -4.41
N SER A 324 -10.46 4.56 -4.00
CA SER A 324 -10.23 3.38 -4.85
C SER A 324 -11.38 2.35 -4.76
N LEU A 325 -12.33 2.54 -3.81
CA LEU A 325 -13.44 1.63 -3.60
C LEU A 325 -14.77 2.16 -4.12
N LEU A 326 -15.55 1.28 -4.78
CA LEU A 326 -16.91 1.62 -5.24
C LEU A 326 -17.88 1.47 -4.06
N TYR A 327 -17.64 0.48 -3.19
CA TYR A 327 -18.48 0.19 -2.01
C TYR A 327 -17.65 0.06 -0.75
N ASN A 328 -18.30 0.26 0.41
CA ASN A 328 -17.65 0.16 1.72
C ASN A 328 -17.12 -1.24 2.01
N GLU A 329 -16.14 -1.31 2.90
CA GLU A 329 -15.62 -2.54 3.48
C GLU A 329 -15.14 -2.24 4.87
N TYR A 330 -15.24 -3.25 5.74
CA TYR A 330 -14.94 -3.13 7.17
C TYR A 330 -13.98 -4.23 7.57
N ILE A 331 -12.93 -3.85 8.32
CA ILE A 331 -11.91 -4.81 8.74
C ILE A 331 -11.66 -4.77 10.25
N VAL A 332 -11.64 -5.94 10.90
CA VAL A 332 -11.27 -6.10 12.32
C VAL A 332 -10.02 -6.96 12.42
N TYR A 333 -9.15 -6.68 13.39
CA TYR A 333 -7.84 -7.32 13.53
C TYR A 333 -7.71 -8.20 14.78
N ASP A 334 -8.83 -8.42 15.47
CA ASP A 334 -8.95 -9.28 16.65
C ASP A 334 -10.16 -10.17 16.38
N ILE A 335 -9.95 -11.50 16.37
CA ILE A 335 -10.98 -12.52 16.10
C ILE A 335 -12.16 -12.46 17.07
N ALA A 336 -11.91 -11.96 18.31
CA ALA A 336 -12.92 -11.81 19.36
C ALA A 336 -13.97 -10.71 19.08
N GLN A 337 -13.72 -9.83 18.08
CA GLN A 337 -14.64 -8.74 17.71
C GLN A 337 -15.82 -9.20 16.79
N VAL A 338 -15.87 -10.50 16.44
CA VAL A 338 -16.91 -11.06 15.57
C VAL A 338 -17.82 -12.05 16.31
N ASN A 339 -19.14 -11.87 16.14
CA ASN A 339 -20.13 -12.81 16.65
C ASN A 339 -21.04 -13.21 15.48
N LEU A 340 -20.80 -14.42 14.91
CA LEU A 340 -21.56 -14.95 13.77
C LEU A 340 -23.01 -15.22 14.20
N LYS A 341 -23.96 -14.69 13.44
CA LYS A 341 -25.38 -14.76 13.79
C LYS A 341 -26.23 -15.61 12.84
N TYR A 342 -26.07 -15.42 11.52
CA TYR A 342 -26.87 -16.16 10.53
C TYR A 342 -26.01 -16.70 9.39
N LEU A 343 -26.55 -17.73 8.73
CA LEU A 343 -25.97 -18.35 7.55
C LEU A 343 -27.10 -18.49 6.50
N LEU A 344 -26.86 -17.98 5.29
CA LEU A 344 -27.85 -18.00 4.19
C LEU A 344 -27.37 -18.89 3.06
N LYS A 345 -28.29 -19.69 2.52
CA LYS A 345 -28.06 -20.51 1.34
C LYS A 345 -28.77 -19.76 0.21
N LEU A 346 -27.99 -19.32 -0.80
CA LEU A 346 -28.48 -18.53 -1.92
C LEU A 346 -28.42 -19.25 -3.27
N LYS A 347 -29.40 -18.95 -4.14
CA LYS A 347 -29.40 -19.42 -5.51
C LYS A 347 -28.97 -18.22 -6.39
N PHE A 348 -27.93 -18.41 -7.20
CA PHE A 348 -27.45 -17.38 -8.11
C PHE A 348 -28.08 -17.60 -9.50
N ASN A 349 -28.87 -16.63 -9.99
CA ASN A 349 -29.46 -16.69 -11.33
C ASN A 349 -28.60 -15.81 -12.29
N PHE A 350 -27.72 -16.47 -13.06
CA PHE A 350 -26.84 -15.79 -14.01
C PHE A 350 -27.58 -15.37 -15.29
N LYS A 351 -27.37 -14.10 -15.71
CA LYS A 351 -27.99 -13.48 -16.89
C LYS A 351 -27.02 -13.48 -18.09
N THR A 352 -25.79 -13.98 -17.88
CA THR A 352 -24.72 -14.10 -18.87
C THR A 352 -24.65 -15.55 -19.39
N LYS B 3 32.28 42.16 -12.51
CA LYS B 3 32.75 40.93 -11.86
C LYS B 3 32.20 40.75 -10.44
N SER B 4 31.63 39.56 -10.17
CA SER B 4 31.05 39.20 -8.88
C SER B 4 32.10 39.17 -7.76
N LYS B 5 31.69 39.59 -6.55
CA LYS B 5 32.52 39.60 -5.34
C LYS B 5 32.22 38.36 -4.46
N LEU B 6 31.23 37.53 -4.88
CA LEU B 6 30.84 36.30 -4.17
C LEU B 6 32.03 35.32 -4.11
N PRO B 7 32.18 34.50 -3.03
CA PRO B 7 33.26 33.51 -3.00
C PRO B 7 33.18 32.56 -4.20
N LYS B 8 34.35 32.16 -4.75
CA LYS B 8 34.49 31.24 -5.88
C LYS B 8 33.61 29.95 -5.70
N PRO B 9 33.58 29.23 -4.54
CA PRO B 9 32.65 28.06 -4.44
C PRO B 9 31.17 28.40 -4.59
N VAL B 10 30.74 29.62 -4.20
CA VAL B 10 29.33 30.05 -4.36
C VAL B 10 29.04 30.31 -5.86
N GLN B 11 29.98 30.96 -6.59
CA GLN B 11 29.86 31.25 -8.02
C GLN B 11 29.75 29.95 -8.84
N ASP B 12 30.53 28.93 -8.46
CA ASP B 12 30.52 27.60 -9.12
C ASP B 12 29.20 26.88 -8.88
N LEU B 13 28.64 27.03 -7.65
CA LEU B 13 27.33 26.47 -7.30
C LEU B 13 26.20 27.09 -8.16
N ILE B 14 26.19 28.44 -8.31
CA ILE B 14 25.21 29.19 -9.14
C ILE B 14 25.25 28.71 -10.61
N LYS B 15 26.47 28.61 -11.19
CA LYS B 15 26.66 28.17 -12.58
C LYS B 15 26.06 26.78 -12.79
N MET B 16 26.39 25.86 -11.87
CA MET B 16 25.96 24.46 -11.84
C MET B 16 24.41 24.33 -11.84
N ILE B 17 23.73 25.04 -10.92
CA ILE B 17 22.27 24.99 -10.74
C ILE B 17 21.46 25.64 -11.88
N PHE B 18 22.01 26.67 -12.54
CA PHE B 18 21.31 27.35 -13.62
C PHE B 18 21.76 26.92 -15.03
N ASP B 19 22.50 25.81 -15.17
CA ASP B 19 23.02 25.31 -16.46
C ASP B 19 21.88 24.74 -17.37
N VAL B 20 21.59 25.43 -18.49
CA VAL B 20 20.53 25.10 -19.47
C VAL B 20 20.78 23.72 -20.15
N GLU B 21 22.05 23.40 -20.47
CA GLU B 21 22.41 22.13 -21.09
C GLU B 21 22.15 20.93 -20.18
N SER B 22 22.35 21.11 -18.85
CA SER B 22 22.06 20.07 -17.88
C SER B 22 20.55 19.80 -17.80
N MET B 23 19.72 20.85 -17.96
CA MET B 23 18.25 20.74 -17.96
C MET B 23 17.81 19.91 -19.18
N LYS B 24 18.40 20.18 -20.37
CA LYS B 24 18.13 19.45 -21.62
C LYS B 24 18.54 17.97 -21.51
N LYS B 25 19.73 17.70 -20.91
CA LYS B 25 20.27 16.35 -20.67
C LYS B 25 19.35 15.53 -19.73
N ALA B 26 18.76 16.16 -18.69
CA ALA B 26 17.83 15.50 -17.77
C ALA B 26 16.56 15.04 -18.51
N MET B 27 16.06 15.87 -19.43
CA MET B 27 14.88 15.57 -20.23
C MET B 27 15.13 14.44 -21.24
N VAL B 28 16.36 14.38 -21.84
CA VAL B 28 16.81 13.33 -22.77
C VAL B 28 16.88 11.97 -22.04
N GLU B 29 17.23 11.98 -20.75
CA GLU B 29 17.30 10.81 -19.87
C GLU B 29 15.88 10.26 -19.60
N TYR B 30 14.87 11.15 -19.58
CA TYR B 30 13.46 10.80 -19.41
C TYR B 30 12.81 10.39 -20.75
N GLU B 31 13.65 10.39 -21.83
CA GLU B 31 13.41 10.09 -23.25
C GLU B 31 12.30 10.96 -23.89
N ILE B 32 12.24 12.24 -23.47
CA ILE B 32 11.33 13.26 -23.96
C ILE B 32 11.88 13.77 -25.31
N ASP B 33 10.99 13.96 -26.29
CA ASP B 33 11.38 14.45 -27.62
C ASP B 33 11.59 15.96 -27.57
N LEU B 34 12.85 16.41 -27.55
CA LEU B 34 13.20 17.83 -27.47
C LEU B 34 12.95 18.61 -28.76
N GLN B 35 12.79 17.89 -29.91
CA GLN B 35 12.47 18.52 -31.18
C GLN B 35 10.98 18.90 -31.21
N LYS B 36 10.12 18.11 -30.54
CA LYS B 36 8.67 18.34 -30.44
C LYS B 36 8.32 19.17 -29.20
N MET B 37 9.02 18.92 -28.09
CA MET B 37 8.80 19.68 -26.86
C MET B 37 10.10 20.16 -26.23
N PRO B 38 10.61 21.31 -26.72
CA PRO B 38 11.84 21.87 -26.11
C PRO B 38 11.56 22.47 -24.72
N LEU B 39 12.64 22.78 -23.98
CA LEU B 39 12.63 23.39 -22.63
C LEU B 39 11.63 24.56 -22.51
N GLY B 40 11.66 25.46 -23.50
CA GLY B 40 10.81 26.65 -23.55
C GLY B 40 9.33 26.39 -23.72
N LYS B 41 8.97 25.20 -24.25
CA LYS B 41 7.59 24.79 -24.49
C LYS B 41 6.97 23.98 -23.31
N LEU B 42 7.79 23.64 -22.28
CA LEU B 42 7.36 22.93 -21.06
C LEU B 42 6.50 23.90 -20.24
N SER B 43 5.28 23.46 -19.91
CA SER B 43 4.39 24.31 -19.14
C SER B 43 3.86 23.60 -17.90
N LYS B 44 3.49 24.39 -16.88
CA LYS B 44 2.93 23.97 -15.59
C LYS B 44 1.59 23.26 -15.82
N ARG B 45 0.69 23.87 -16.62
CA ARG B 45 -0.64 23.30 -16.94
C ARG B 45 -0.54 22.00 -17.75
N GLN B 46 0.52 21.84 -18.57
CA GLN B 46 0.76 20.60 -19.33
C GLN B 46 1.06 19.44 -18.34
N ILE B 47 1.97 19.69 -17.37
CA ILE B 47 2.40 18.74 -16.34
C ILE B 47 1.20 18.32 -15.46
N GLN B 48 0.37 19.30 -15.06
CA GLN B 48 -0.84 19.10 -14.25
C GLN B 48 -1.83 18.17 -14.94
N ALA B 49 -2.01 18.36 -16.28
CA ALA B 49 -2.89 17.51 -17.09
C ALA B 49 -2.34 16.07 -17.16
N ALA B 50 -1.00 15.93 -17.20
CA ALA B 50 -0.33 14.63 -17.24
C ALA B 50 -0.53 13.85 -15.91
N TYR B 51 -0.46 14.57 -14.76
CA TYR B 51 -0.74 14.01 -13.42
C TYR B 51 -2.18 13.50 -13.38
N SER B 52 -3.15 14.27 -13.95
CA SER B 52 -4.58 13.93 -14.05
C SER B 52 -4.79 12.63 -14.80
N ILE B 53 -4.05 12.40 -15.92
CA ILE B 53 -4.12 11.14 -16.69
C ILE B 53 -3.63 9.94 -15.80
N LEU B 54 -2.54 10.14 -15.03
CA LEU B 54 -1.99 9.12 -14.11
C LEU B 54 -2.98 8.74 -12.98
N SER B 55 -3.73 9.74 -12.45
CA SER B 55 -4.76 9.53 -11.44
C SER B 55 -5.94 8.76 -12.07
N GLU B 56 -6.23 9.00 -13.36
CA GLU B 56 -7.28 8.31 -14.10
C GLU B 56 -6.88 6.84 -14.31
N VAL B 57 -5.57 6.56 -14.53
CA VAL B 57 -5.05 5.17 -14.67
C VAL B 57 -5.26 4.43 -13.34
N GLN B 58 -4.87 5.08 -12.22
CA GLN B 58 -5.04 4.60 -10.83
C GLN B 58 -6.50 4.14 -10.54
N GLN B 59 -7.47 5.00 -10.86
CA GLN B 59 -8.90 4.73 -10.62
C GLN B 59 -9.42 3.58 -11.46
N ALA B 60 -9.03 3.52 -12.75
CA ALA B 60 -9.41 2.44 -13.67
C ALA B 60 -8.85 1.09 -13.18
N VAL B 61 -7.59 1.07 -12.66
CA VAL B 61 -6.95 -0.13 -12.12
C VAL B 61 -7.73 -0.64 -10.88
N SER B 62 -8.05 0.27 -9.93
CA SER B 62 -8.78 -0.04 -8.71
C SER B 62 -10.25 -0.43 -8.95
N GLN B 63 -10.85 0.02 -10.06
CA GLN B 63 -12.23 -0.35 -10.39
C GLN B 63 -12.27 -1.72 -11.10
N GLY B 64 -11.14 -2.11 -11.70
CA GLY B 64 -10.99 -3.37 -12.44
C GLY B 64 -11.76 -3.40 -13.74
N SER B 65 -11.48 -4.44 -14.58
CA SER B 65 -12.10 -4.70 -15.90
C SER B 65 -12.08 -3.48 -16.89
N SER B 66 -11.18 -2.52 -16.65
CA SER B 66 -11.01 -1.36 -17.51
C SER B 66 -9.65 -1.45 -18.24
N ASP B 67 -9.16 -2.69 -18.51
CA ASP B 67 -7.85 -2.95 -19.16
C ASP B 67 -7.69 -2.28 -20.53
N SER B 68 -8.74 -2.33 -21.37
CA SER B 68 -8.76 -1.66 -22.67
C SER B 68 -8.75 -0.12 -22.44
N GLN B 69 -9.42 0.37 -21.37
CA GLN B 69 -9.43 1.80 -21.05
C GLN B 69 -8.03 2.31 -20.68
N ILE B 70 -7.30 1.52 -19.87
CA ILE B 70 -5.93 1.79 -19.39
C ILE B 70 -4.98 1.99 -20.60
N LEU B 71 -5.09 1.11 -21.62
CA LEU B 71 -4.33 1.17 -22.87
C LEU B 71 -4.51 2.54 -23.56
N ASP B 72 -5.77 3.02 -23.66
CA ASP B 72 -6.13 4.33 -24.24
C ASP B 72 -5.52 5.50 -23.44
N LEU B 73 -5.57 5.43 -22.09
CA LEU B 73 -5.02 6.44 -21.18
C LEU B 73 -3.49 6.49 -21.26
N SER B 74 -2.86 5.32 -21.47
CA SER B 74 -1.41 5.22 -21.62
C SER B 74 -0.99 5.98 -22.89
N ASN B 75 -1.72 5.77 -24.02
CA ASN B 75 -1.43 6.49 -25.28
C ASN B 75 -1.69 8.00 -25.15
N ARG B 76 -2.64 8.40 -24.30
CA ARG B 76 -3.02 9.78 -24.00
C ARG B 76 -1.86 10.47 -23.29
N PHE B 77 -1.15 9.74 -22.40
CA PHE B 77 0.00 10.28 -21.66
C PHE B 77 1.15 10.59 -22.62
N TYR B 78 1.41 9.69 -23.60
CA TYR B 78 2.46 9.88 -24.60
C TYR B 78 2.11 10.92 -25.69
N THR B 79 0.83 11.31 -25.78
CA THR B 79 0.40 12.36 -26.71
C THR B 79 0.61 13.72 -26.03
N LEU B 80 0.35 13.78 -24.72
CA LEU B 80 0.47 14.98 -23.89
C LEU B 80 1.93 15.39 -23.66
N ILE B 81 2.79 14.43 -23.30
CA ILE B 81 4.23 14.64 -23.10
C ILE B 81 4.93 13.88 -24.27
N PRO B 82 5.30 14.52 -25.42
CA PRO B 82 5.92 13.74 -26.52
C PRO B 82 7.26 13.09 -26.15
N HIS B 83 7.34 11.77 -26.40
CA HIS B 83 8.52 10.96 -26.10
C HIS B 83 9.16 10.46 -27.41
N ASP B 84 10.49 10.27 -27.41
CA ASP B 84 11.24 9.77 -28.56
C ASP B 84 12.03 8.51 -28.18
N PHE B 85 11.43 7.33 -28.44
CA PHE B 85 12.04 6.05 -28.10
C PHE B 85 12.72 5.34 -29.28
N GLY B 86 13.08 6.10 -30.33
CA GLY B 86 13.72 5.55 -31.52
C GLY B 86 12.90 4.47 -32.21
N MET B 87 13.47 3.26 -32.32
CA MET B 87 12.82 2.09 -32.95
C MET B 87 12.22 1.13 -31.91
N LYS B 88 12.14 1.57 -30.65
CA LYS B 88 11.63 0.82 -29.51
C LYS B 88 10.22 1.24 -29.14
N LYS B 89 9.45 0.30 -28.55
CA LYS B 89 8.11 0.59 -28.07
C LYS B 89 8.24 1.29 -26.71
N PRO B 90 7.45 2.37 -26.46
CA PRO B 90 7.49 3.03 -25.14
C PRO B 90 6.89 2.15 -24.03
N PRO B 91 7.27 2.33 -22.73
CA PRO B 91 6.69 1.47 -21.68
C PRO B 91 5.19 1.66 -21.48
N LEU B 92 4.44 0.56 -21.48
CA LEU B 92 2.99 0.58 -21.29
C LEU B 92 2.65 0.96 -19.84
N LEU B 93 1.67 1.86 -19.65
CA LEU B 93 1.28 2.28 -18.30
C LEU B 93 0.10 1.47 -17.79
N ASN B 94 0.32 0.15 -17.60
CA ASN B 94 -0.70 -0.80 -17.17
C ASN B 94 -0.45 -1.43 -15.79
N ASN B 95 0.54 -0.91 -15.04
CA ASN B 95 0.89 -1.43 -13.72
C ASN B 95 1.31 -0.34 -12.73
N ALA B 96 1.44 -0.70 -11.43
CA ALA B 96 1.83 0.20 -10.35
C ALA B 96 3.23 0.80 -10.54
N ASP B 97 4.21 -0.01 -10.99
CA ASP B 97 5.60 0.41 -11.21
C ASP B 97 5.73 1.53 -12.25
N SER B 98 4.99 1.41 -13.38
CA SER B 98 4.98 2.36 -14.50
C SER B 98 4.36 3.69 -14.09
N VAL B 99 3.26 3.66 -13.30
CA VAL B 99 2.58 4.87 -12.82
C VAL B 99 3.56 5.61 -11.90
N GLN B 100 4.22 4.85 -11.00
CA GLN B 100 5.21 5.36 -10.05
C GLN B 100 6.36 6.05 -10.77
N ALA B 101 6.94 5.37 -11.81
CA ALA B 101 8.04 5.90 -12.60
C ALA B 101 7.68 7.23 -13.25
N LYS B 102 6.49 7.31 -13.87
CA LYS B 102 6.02 8.54 -14.53
C LYS B 102 5.67 9.67 -13.55
N ALA B 103 5.13 9.34 -12.36
CA ALA B 103 4.79 10.36 -11.34
C ALA B 103 6.06 11.04 -10.80
N GLU B 104 7.18 10.27 -10.71
CA GLU B 104 8.51 10.74 -10.31
C GLU B 104 9.11 11.68 -11.38
N MET B 105 8.96 11.35 -12.69
CA MET B 105 9.42 12.21 -13.80
C MET B 105 8.69 13.58 -13.77
N LEU B 106 7.36 13.58 -13.53
CA LEU B 106 6.54 14.81 -13.47
C LEU B 106 6.97 15.72 -12.31
N ASP B 107 7.28 15.12 -11.13
CA ASP B 107 7.80 15.81 -9.93
C ASP B 107 9.08 16.61 -10.33
N ASN B 108 9.97 15.98 -11.11
CA ASN B 108 11.20 16.59 -11.63
C ASN B 108 10.94 17.69 -12.66
N LEU B 109 10.00 17.48 -13.61
CA LEU B 109 9.62 18.46 -14.64
C LEU B 109 9.16 19.80 -14.04
N LEU B 110 8.41 19.74 -12.91
CA LEU B 110 7.91 20.89 -12.14
C LEU B 110 9.08 21.80 -11.70
N ASP B 111 10.18 21.22 -11.15
CA ASP B 111 11.37 21.96 -10.70
C ASP B 111 12.17 22.50 -11.87
N ILE B 112 12.23 21.74 -13.00
CA ILE B 112 12.92 22.18 -14.22
C ILE B 112 12.19 23.40 -14.81
N GLU B 113 10.84 23.35 -14.83
CA GLU B 113 10.02 24.45 -15.34
C GLU B 113 10.24 25.75 -14.50
N VAL B 114 10.33 25.62 -13.16
CA VAL B 114 10.59 26.75 -12.24
C VAL B 114 11.95 27.39 -12.57
N ALA B 115 13.03 26.57 -12.72
CA ALA B 115 14.38 27.07 -13.04
C ALA B 115 14.43 27.85 -14.34
N TYR B 116 13.78 27.32 -15.39
CA TYR B 116 13.73 27.98 -16.69
C TYR B 116 12.92 29.28 -16.63
N SER B 117 11.76 29.28 -15.92
CA SER B 117 10.90 30.45 -15.74
C SER B 117 11.64 31.60 -15.04
N LEU B 118 12.50 31.26 -14.06
CA LEU B 118 13.34 32.17 -13.28
C LEU B 118 14.34 32.90 -14.18
N LEU B 119 15.02 32.14 -15.08
CA LEU B 119 15.99 32.62 -16.06
C LEU B 119 15.36 33.62 -17.07
N ARG B 120 14.09 33.42 -17.43
CA ARG B 120 13.39 34.26 -18.40
C ARG B 120 12.48 35.34 -17.77
N GLY B 121 12.55 35.52 -16.45
CA GLY B 121 11.73 36.49 -15.73
C GLY B 121 12.47 37.53 -14.91
N GLY B 122 11.70 38.40 -14.27
CA GLY B 122 12.19 39.48 -13.42
C GLY B 122 12.70 40.68 -14.19
N SER B 123 13.82 41.26 -13.73
CA SER B 123 14.45 42.43 -14.36
C SER B 123 15.80 42.07 -15.00
N ASP B 124 16.12 42.72 -16.12
CA ASP B 124 17.34 42.51 -16.91
C ASP B 124 18.23 43.74 -16.83
N ASP B 125 19.48 43.56 -16.36
CA ASP B 125 20.51 44.60 -16.22
C ASP B 125 21.89 44.08 -16.69
N SER B 126 22.31 44.50 -17.91
CA SER B 126 23.56 44.14 -18.58
C SER B 126 24.82 44.58 -17.86
N SER B 127 24.73 45.67 -17.06
CA SER B 127 25.86 46.22 -16.29
C SER B 127 26.29 45.29 -15.12
N LYS B 128 25.43 44.34 -14.72
CA LYS B 128 25.72 43.41 -13.63
C LYS B 128 26.21 42.06 -14.15
N ASP B 129 27.08 41.39 -13.38
CA ASP B 129 27.59 40.04 -13.65
C ASP B 129 26.39 39.07 -13.60
N PRO B 130 26.19 38.20 -14.64
CA PRO B 130 25.05 37.25 -14.60
C PRO B 130 24.99 36.33 -13.37
N ILE B 131 26.15 35.96 -12.78
CA ILE B 131 26.24 35.12 -11.57
C ILE B 131 25.49 35.80 -10.40
N ASP B 132 25.72 37.13 -10.22
CA ASP B 132 25.07 37.94 -9.19
C ASP B 132 23.56 38.06 -9.45
N VAL B 133 23.15 38.24 -10.74
CA VAL B 133 21.75 38.33 -11.18
C VAL B 133 21.02 37.02 -10.81
N ASN B 134 21.59 35.86 -11.19
CA ASN B 134 21.02 34.54 -10.91
C ASN B 134 21.00 34.21 -9.41
N TYR B 135 22.00 34.67 -8.64
CA TYR B 135 22.07 34.48 -7.18
C TYR B 135 20.86 35.11 -6.50
N GLU B 136 20.56 36.40 -6.85
CA GLU B 136 19.43 37.16 -6.28
C GLU B 136 18.09 36.51 -6.57
N LYS B 137 17.98 35.80 -7.72
CA LYS B 137 16.79 35.07 -8.18
C LYS B 137 16.40 33.91 -7.28
N LEU B 138 17.34 33.42 -6.46
CA LEU B 138 17.15 32.30 -5.52
C LEU B 138 16.51 32.73 -4.19
N LYS B 139 16.62 34.02 -3.82
CA LYS B 139 16.11 34.61 -2.57
C LYS B 139 16.57 33.77 -1.36
N THR B 140 17.85 33.38 -1.38
CA THR B 140 18.50 32.56 -0.36
C THR B 140 19.87 33.15 -0.06
N ASP B 141 20.20 33.28 1.24
CA ASP B 141 21.53 33.68 1.69
C ASP B 141 22.39 32.38 1.72
N ILE B 142 23.47 32.36 0.93
CA ILE B 142 24.39 31.22 0.81
C ILE B 142 25.77 31.61 1.32
N LYS B 143 26.26 30.89 2.34
CA LYS B 143 27.58 31.14 2.94
C LYS B 143 28.41 29.86 2.96
N VAL B 144 29.73 29.99 2.81
CA VAL B 144 30.67 28.87 2.84
C VAL B 144 31.01 28.55 4.30
N VAL B 145 30.88 27.26 4.69
CA VAL B 145 31.24 26.80 6.03
C VAL B 145 32.75 26.48 6.00
N ASP B 146 33.53 27.08 6.96
CA ASP B 146 34.97 26.85 7.11
C ASP B 146 35.23 25.36 7.38
N ARG B 147 36.11 24.73 6.57
CA ARG B 147 36.49 23.31 6.64
C ARG B 147 37.01 22.86 8.02
N ASP B 148 37.71 23.76 8.74
CA ASP B 148 38.29 23.49 10.05
C ASP B 148 37.37 23.82 11.24
N SER B 149 36.09 24.19 10.96
CA SER B 149 35.10 24.51 12.01
C SER B 149 34.49 23.26 12.64
N GLU B 150 33.83 23.43 13.82
CA GLU B 150 33.15 22.35 14.54
C GLU B 150 31.95 21.79 13.75
N GLU B 151 31.11 22.68 13.15
CA GLU B 151 29.94 22.25 12.37
C GLU B 151 30.36 21.45 11.13
N ALA B 152 31.51 21.79 10.50
CA ALA B 152 32.06 21.04 9.36
C ALA B 152 32.53 19.65 9.81
N GLU B 153 33.12 19.53 11.02
CA GLU B 153 33.58 18.27 11.62
C GLU B 153 32.39 17.32 11.88
N ILE B 154 31.28 17.85 12.43
CA ILE B 154 30.06 17.09 12.69
C ILE B 154 29.44 16.59 11.36
N ILE B 155 29.33 17.49 10.35
CA ILE B 155 28.77 17.16 9.02
C ILE B 155 29.59 16.07 8.32
N ARG B 156 30.94 16.16 8.36
CA ARG B 156 31.83 15.15 7.76
C ARG B 156 31.71 13.80 8.45
N LYS B 157 31.50 13.78 9.78
CA LYS B 157 31.30 12.58 10.57
C LYS B 157 29.99 11.87 10.17
N TYR B 158 28.92 12.66 9.93
CA TYR B 158 27.59 12.19 9.52
C TYR B 158 27.70 11.54 8.12
N VAL B 159 28.56 12.09 7.22
CA VAL B 159 28.82 11.55 5.88
C VAL B 159 29.62 10.23 6.00
N LYS B 160 30.73 10.26 6.77
CA LYS B 160 31.65 9.12 6.99
C LYS B 160 30.99 7.89 7.61
N ASN B 161 30.09 8.10 8.58
CA ASN B 161 29.45 7.02 9.34
C ASN B 161 28.17 6.43 8.80
N THR B 162 27.48 7.09 7.86
CA THR B 162 26.19 6.58 7.42
C THR B 162 26.14 6.15 5.94
N HIS B 163 27.27 5.64 5.38
CA HIS B 163 27.30 5.10 4.02
C HIS B 163 27.08 3.60 4.19
N ALA B 164 25.95 3.07 3.68
CA ALA B 164 25.62 1.65 3.79
C ALA B 164 26.50 0.75 2.90
N THR B 165 26.86 -0.46 3.41
CA THR B 165 27.66 -1.47 2.70
C THR B 165 26.95 -1.95 1.41
N THR B 166 25.58 -1.98 1.44
CA THR B 166 24.77 -2.34 0.27
C THR B 166 24.82 -1.27 -0.85
N HIS B 167 25.35 -0.07 -0.55
CA HIS B 167 25.49 1.04 -1.51
C HIS B 167 26.98 1.22 -1.90
N ASN B 168 27.68 0.11 -2.14
CA ASN B 168 29.13 0.13 -2.44
C ASN B 168 29.48 0.31 -3.94
N ALA B 169 28.52 0.81 -4.77
CA ALA B 169 28.78 1.13 -6.18
C ALA B 169 29.73 2.36 -6.33
N TYR B 170 29.72 3.26 -5.34
CA TYR B 170 30.53 4.48 -5.33
C TYR B 170 31.01 4.87 -3.93
N ASP B 171 32.04 5.73 -3.86
CA ASP B 171 32.58 6.36 -2.64
C ASP B 171 32.13 7.83 -2.68
N LEU B 172 32.03 8.49 -1.52
CA LEU B 172 31.61 9.90 -1.42
C LEU B 172 32.69 10.78 -0.79
N GLU B 173 32.93 11.95 -1.40
CA GLU B 173 33.89 12.94 -0.94
C GLU B 173 33.19 14.30 -0.83
N VAL B 174 33.26 14.95 0.34
CA VAL B 174 32.64 16.27 0.54
C VAL B 174 33.57 17.35 -0.08
N ILE B 175 33.08 18.06 -1.12
CA ILE B 175 33.84 19.14 -1.75
C ILE B 175 33.60 20.47 -1.00
N ASP B 176 32.34 20.92 -0.91
CA ASP B 176 31.99 22.17 -0.25
C ASP B 176 30.77 22.01 0.63
N ILE B 177 30.75 22.76 1.75
CA ILE B 177 29.63 22.81 2.68
C ILE B 177 29.11 24.25 2.71
N PHE B 178 27.82 24.42 2.39
CA PHE B 178 27.19 25.72 2.38
C PHE B 178 26.12 25.79 3.46
N LYS B 179 26.07 26.91 4.19
CA LYS B 179 25.04 27.19 5.18
C LYS B 179 23.99 28.02 4.41
N ILE B 180 22.73 27.58 4.43
CA ILE B 180 21.68 28.23 3.63
C ILE B 180 20.52 28.73 4.46
N GLU B 181 19.94 29.86 3.99
CA GLU B 181 18.83 30.54 4.65
C GLU B 181 17.86 31.09 3.59
N ARG B 182 16.78 30.32 3.29
CA ARG B 182 15.73 30.70 2.35
C ARG B 182 14.92 31.84 2.97
N GLU B 183 14.60 32.89 2.19
CA GLU B 183 13.82 34.04 2.69
C GLU B 183 12.42 33.58 3.12
N GLY B 184 12.02 33.98 4.32
CA GLY B 184 10.74 33.65 4.92
C GLY B 184 10.56 32.27 5.52
N GLU B 185 11.52 31.34 5.30
CA GLU B 185 11.45 29.96 5.83
C GLU B 185 11.49 29.90 7.36
N CYS B 186 12.42 30.65 7.99
CA CYS B 186 12.55 30.74 9.45
C CYS B 186 11.23 31.16 10.12
N GLN B 187 10.54 32.16 9.54
CA GLN B 187 9.25 32.68 9.99
C GLN B 187 8.13 31.63 9.78
N ARG B 188 8.16 30.90 8.65
CA ARG B 188 7.21 29.84 8.27
C ARG B 188 7.28 28.65 9.25
N TYR B 189 8.50 28.30 9.69
CA TYR B 189 8.82 27.20 10.59
C TYR B 189 8.50 27.48 12.08
N LYS B 190 8.36 28.76 12.49
CA LYS B 190 8.10 29.19 13.88
C LYS B 190 7.03 28.34 14.67
N PRO B 191 5.83 27.93 14.15
CA PRO B 191 4.93 27.09 14.98
C PRO B 191 5.46 25.70 15.33
N PHE B 192 6.51 25.23 14.64
CA PHE B 192 7.11 23.91 14.82
C PHE B 192 8.51 23.94 15.44
N LYS B 193 9.08 25.15 15.71
CA LYS B 193 10.44 25.32 16.23
C LYS B 193 10.72 24.68 17.59
N GLN B 194 9.68 24.47 18.43
CA GLN B 194 9.84 23.88 19.77
C GLN B 194 9.21 22.48 19.91
N LEU B 195 8.72 21.90 18.79
CA LEU B 195 8.13 20.56 18.76
C LEU B 195 9.18 19.52 19.12
N HIS B 196 8.75 18.40 19.73
CA HIS B 196 9.68 17.33 20.08
C HIS B 196 10.06 16.55 18.81
N ASN B 197 11.11 15.71 18.89
CA ASN B 197 11.63 14.89 17.79
C ASN B 197 12.06 15.73 16.57
N ARG B 198 12.80 16.83 16.82
CA ARG B 198 13.37 17.62 15.73
C ARG B 198 14.71 16.95 15.38
N ARG B 199 14.89 16.58 14.09
CA ARG B 199 16.10 15.87 13.64
C ARG B 199 16.71 16.47 12.40
N LEU B 200 18.06 16.39 12.30
CA LEU B 200 18.83 16.85 11.13
C LEU B 200 18.94 15.66 10.19
N LEU B 201 18.24 15.75 9.03
CA LEU B 201 18.14 14.64 8.07
C LEU B 201 18.54 15.00 6.64
N TRP B 202 18.92 13.98 5.86
CA TRP B 202 19.34 14.11 4.46
C TRP B 202 18.18 14.14 3.46
N HIS B 203 18.37 14.87 2.34
CA HIS B 203 17.44 14.90 1.22
C HIS B 203 18.26 15.07 -0.06
N GLY B 204 18.28 13.99 -0.84
CA GLY B 204 18.95 13.93 -2.13
C GLY B 204 18.00 14.24 -3.28
N SER B 205 18.50 14.92 -4.31
CA SER B 205 17.72 15.32 -5.50
C SER B 205 18.66 15.58 -6.66
N ARG B 206 18.16 15.50 -7.91
CA ARG B 206 18.98 15.79 -9.10
C ARG B 206 19.43 17.26 -9.08
N THR B 207 20.63 17.55 -9.64
CA THR B 207 21.22 18.90 -9.69
C THR B 207 20.24 19.92 -10.31
N THR B 208 19.52 19.51 -11.37
CA THR B 208 18.52 20.29 -12.11
C THR B 208 17.27 20.70 -11.27
N ASN B 209 17.09 20.17 -10.05
CA ASN B 209 15.96 20.54 -9.19
C ASN B 209 16.29 21.65 -8.17
N PHE B 210 17.59 21.95 -7.96
CA PHE B 210 18.03 22.84 -6.89
C PHE B 210 17.70 24.33 -7.07
N ALA B 211 17.55 24.84 -8.31
CA ALA B 211 17.11 26.24 -8.46
C ALA B 211 15.64 26.33 -7.99
N GLY B 212 14.85 25.30 -8.30
CA GLY B 212 13.47 25.16 -7.85
C GLY B 212 13.37 24.98 -6.34
N ILE B 213 14.27 24.14 -5.74
CA ILE B 213 14.32 23.88 -4.27
C ILE B 213 14.68 25.15 -3.51
N LEU B 214 15.73 25.90 -3.95
CA LEU B 214 16.16 27.10 -3.23
C LEU B 214 15.14 28.25 -3.33
N SER B 215 14.53 28.47 -4.50
CA SER B 215 13.53 29.53 -4.64
C SER B 215 12.17 29.22 -3.99
N GLN B 216 11.64 27.99 -4.18
CA GLN B 216 10.31 27.58 -3.67
C GLN B 216 10.30 26.71 -2.40
N GLY B 217 11.45 26.11 -2.07
CA GLY B 217 11.58 25.18 -0.95
C GLY B 217 11.17 23.77 -1.35
N LEU B 218 11.23 22.83 -0.40
CA LEU B 218 10.78 21.46 -0.67
C LEU B 218 9.23 21.45 -0.68
N ARG B 219 8.64 20.88 -1.73
CA ARG B 219 7.20 20.85 -1.93
C ARG B 219 6.64 19.44 -2.02
N ILE B 220 5.34 19.31 -1.71
CA ILE B 220 4.57 18.07 -1.79
C ILE B 220 3.98 17.96 -3.22
N ALA B 221 3.81 16.72 -3.76
CA ALA B 221 3.18 16.49 -5.08
C ALA B 221 1.76 17.12 -5.07
N PRO B 222 1.28 17.75 -6.18
CA PRO B 222 -0.01 18.46 -6.14
C PRO B 222 -1.28 17.58 -6.02
N PRO B 223 -2.49 18.17 -5.77
CA PRO B 223 -3.71 17.33 -5.66
C PRO B 223 -4.04 16.45 -6.86
N GLU B 224 -3.65 16.88 -8.09
CA GLU B 224 -3.85 16.15 -9.35
C GLU B 224 -3.01 14.85 -9.40
N ALA B 225 -1.87 14.80 -8.67
CA ALA B 225 -0.96 13.66 -8.64
C ALA B 225 -1.59 12.39 -8.03
N PRO B 226 -1.29 11.17 -8.55
CA PRO B 226 -1.87 9.96 -7.94
C PRO B 226 -1.19 9.58 -6.61
N VAL B 227 -1.97 9.49 -5.52
CA VAL B 227 -1.46 9.11 -4.18
C VAL B 227 -0.77 7.71 -4.15
N THR B 228 -1.24 6.74 -4.99
CA THR B 228 -0.65 5.39 -5.07
C THR B 228 0.71 5.38 -5.75
N GLY B 229 1.07 6.50 -6.38
CA GLY B 229 2.36 6.67 -7.02
C GLY B 229 3.50 6.94 -6.05
N TYR B 230 3.16 7.06 -4.73
CA TYR B 230 4.08 7.40 -3.64
C TYR B 230 3.87 6.42 -2.46
N MET B 231 4.92 5.69 -2.05
CA MET B 231 4.92 4.66 -1.00
C MET B 231 4.15 5.02 0.27
N PHE B 232 4.35 6.25 0.78
CA PHE B 232 3.67 6.71 1.99
C PHE B 232 2.81 7.97 1.73
N GLY B 233 2.32 8.11 0.51
CA GLY B 233 1.49 9.25 0.13
C GLY B 233 2.31 10.47 -0.25
N LYS B 234 1.60 11.59 -0.45
CA LYS B 234 2.19 12.85 -0.92
C LYS B 234 2.73 13.73 0.23
N GLY B 235 3.98 13.48 0.57
CA GLY B 235 4.72 14.21 1.60
C GLY B 235 6.12 14.54 1.14
N ILE B 236 6.98 14.93 2.09
CA ILE B 236 8.39 15.25 1.81
C ILE B 236 9.23 14.15 2.49
N TYR B 237 10.05 13.44 1.70
CA TYR B 237 10.82 12.27 2.13
C TYR B 237 12.28 12.56 2.50
N PHE B 238 12.73 12.01 3.65
CA PHE B 238 14.10 12.17 4.18
C PHE B 238 14.68 10.85 4.65
N ALA B 239 16.02 10.78 4.77
CA ALA B 239 16.72 9.59 5.27
C ALA B 239 17.73 9.98 6.35
N ASP B 240 18.12 9.02 7.22
CA ASP B 240 19.18 9.23 8.23
C ASP B 240 20.52 8.63 7.75
N MET B 241 20.52 7.94 6.58
CA MET B 241 21.71 7.34 5.96
C MET B 241 22.07 8.19 4.73
N VAL B 242 23.30 8.75 4.67
CA VAL B 242 23.75 9.63 3.57
C VAL B 242 23.65 8.95 2.18
N SER B 243 24.02 7.66 2.09
CA SER B 243 24.00 6.90 0.83
C SER B 243 22.57 6.63 0.31
N LYS B 244 21.56 6.51 1.21
CA LYS B 244 20.16 6.30 0.80
C LYS B 244 19.65 7.55 0.05
N SER B 245 19.97 8.76 0.57
CA SER B 245 19.61 10.01 -0.07
C SER B 245 20.48 10.30 -1.31
N ALA B 246 21.81 9.99 -1.25
CA ALA B 246 22.75 10.22 -2.37
C ALA B 246 22.37 9.45 -3.63
N ASN B 247 21.69 8.29 -3.48
CA ASN B 247 21.24 7.48 -4.62
C ASN B 247 20.23 8.27 -5.47
N TYR B 248 19.44 9.17 -4.82
CA TYR B 248 18.44 10.02 -5.47
C TYR B 248 19.04 11.23 -6.22
N CYS B 249 20.38 11.41 -6.17
CA CYS B 249 21.06 12.47 -6.93
C CYS B 249 21.14 12.05 -8.40
N HIS B 250 21.07 10.73 -8.68
CA HIS B 250 21.16 10.10 -10.00
C HIS B 250 22.44 10.54 -10.74
N THR B 251 23.55 10.55 -10.02
CA THR B 251 24.85 10.91 -10.56
C THR B 251 25.34 9.73 -11.41
N SER B 252 26.17 10.03 -12.41
CA SER B 252 26.71 9.05 -13.35
C SER B 252 28.24 9.18 -13.52
N GLN B 253 28.85 8.28 -14.32
CA GLN B 253 30.27 8.30 -14.66
C GLN B 253 30.62 9.57 -15.48
N GLY B 254 29.67 10.05 -16.28
CA GLY B 254 29.80 11.26 -17.11
C GLY B 254 29.56 12.58 -16.38
N ASP B 255 28.88 12.51 -15.22
CA ASP B 255 28.55 13.64 -14.36
C ASP B 255 28.62 13.16 -12.89
N PRO B 256 29.86 13.05 -12.32
CA PRO B 256 30.01 12.49 -10.97
C PRO B 256 30.03 13.51 -9.82
N ILE B 257 29.28 14.61 -9.98
CA ILE B 257 29.14 15.68 -8.99
C ILE B 257 27.65 15.81 -8.70
N GLY B 258 27.29 15.79 -7.42
CA GLY B 258 25.91 15.91 -6.98
C GLY B 258 25.73 16.85 -5.82
N LEU B 259 24.46 17.18 -5.50
CA LEU B 259 24.10 18.07 -4.40
C LEU B 259 23.14 17.37 -3.44
N ILE B 260 23.33 17.58 -2.13
CA ILE B 260 22.51 16.95 -1.08
C ILE B 260 22.14 17.96 0.00
N LEU B 261 20.93 17.89 0.54
CA LEU B 261 20.54 18.81 1.60
C LEU B 261 20.59 18.18 2.98
N LEU B 262 20.81 19.03 4.00
CA LEU B 262 20.69 18.69 5.40
C LEU B 262 19.61 19.63 5.92
N GLY B 263 18.47 19.08 6.33
CA GLY B 263 17.37 19.88 6.82
C GLY B 263 16.93 19.53 8.23
N GLU B 264 16.44 20.54 8.98
CA GLU B 264 15.89 20.34 10.32
C GLU B 264 14.42 19.98 10.11
N VAL B 265 14.03 18.76 10.50
CA VAL B 265 12.64 18.29 10.32
C VAL B 265 11.93 18.12 11.68
N ALA B 266 10.75 18.77 11.85
CA ALA B 266 9.95 18.68 13.08
C ALA B 266 9.03 17.46 12.96
N LEU B 267 9.49 16.31 13.49
CA LEU B 267 8.80 15.02 13.40
C LEU B 267 7.66 14.84 14.40
N GLY B 268 7.81 15.38 15.61
CA GLY B 268 6.82 15.26 16.68
C GLY B 268 6.46 13.82 16.95
N ASN B 269 5.15 13.54 17.01
CA ASN B 269 4.59 12.23 17.25
C ASN B 269 4.60 11.43 15.92
N MET B 270 5.51 10.44 15.83
CA MET B 270 5.71 9.62 14.62
C MET B 270 4.74 8.46 14.47
N TYR B 271 4.20 8.27 13.24
CA TYR B 271 3.32 7.14 12.91
C TYR B 271 4.24 6.11 12.23
N GLU B 272 4.57 5.04 12.96
CA GLU B 272 5.54 4.02 12.55
C GLU B 272 4.94 2.92 11.67
N LEU B 273 5.47 2.79 10.44
CA LEU B 273 5.01 1.86 9.40
C LEU B 273 6.13 1.00 8.84
N LYS B 274 5.78 -0.24 8.47
CA LYS B 274 6.69 -1.25 7.94
C LYS B 274 6.54 -1.48 6.42
N HIS B 275 5.35 -1.22 5.85
CA HIS B 275 5.00 -1.44 4.43
C HIS B 275 4.20 -0.27 3.87
N ALA B 276 3.99 -0.25 2.53
CA ALA B 276 3.29 0.82 1.84
C ALA B 276 1.92 1.15 2.41
N SER B 277 1.63 2.44 2.50
CA SER B 277 0.38 2.98 3.01
C SER B 277 0.16 4.33 2.31
N HIS B 278 -0.70 4.33 1.27
CA HIS B 278 -0.96 5.51 0.42
C HIS B 278 -1.97 6.43 1.09
N ILE B 279 -1.52 7.10 2.16
CA ILE B 279 -2.36 7.95 2.99
C ILE B 279 -2.56 9.36 2.43
N SER B 280 -3.81 9.87 2.62
CA SER B 280 -4.22 11.23 2.25
C SER B 280 -3.99 12.18 3.42
N LYS B 281 -4.19 11.68 4.65
CA LYS B 281 -4.05 12.46 5.89
C LYS B 281 -3.43 11.58 6.99
N LEU B 282 -2.78 12.21 7.97
CA LEU B 282 -2.18 11.47 9.08
C LEU B 282 -3.26 11.14 10.14
N PRO B 283 -3.14 10.03 10.92
CA PRO B 283 -4.13 9.79 11.99
C PRO B 283 -4.03 10.91 13.01
N LYS B 284 -5.16 11.28 13.65
CA LYS B 284 -5.22 12.38 14.61
C LYS B 284 -4.16 12.26 15.71
N GLY B 285 -3.44 13.36 15.95
CA GLY B 285 -2.37 13.41 16.93
C GLY B 285 -0.99 13.10 16.38
N LYS B 286 -0.88 12.60 15.13
CA LYS B 286 0.40 12.28 14.48
C LYS B 286 0.93 13.45 13.64
N HIS B 287 2.27 13.67 13.63
CA HIS B 287 2.88 14.79 12.89
C HIS B 287 3.74 14.35 11.71
N SER B 288 4.14 13.07 11.68
CA SER B 288 4.99 12.52 10.64
C SER B 288 4.82 11.00 10.50
N VAL B 289 5.48 10.41 9.50
CA VAL B 289 5.53 8.97 9.28
C VAL B 289 7.00 8.53 9.42
N LYS B 290 7.23 7.44 10.15
CA LYS B 290 8.56 6.86 10.18
C LYS B 290 8.47 5.47 9.53
N GLY B 291 9.13 5.32 8.39
CA GLY B 291 9.25 4.04 7.71
C GLY B 291 10.35 3.28 8.42
N LEU B 292 9.99 2.20 9.13
CA LEU B 292 10.95 1.45 9.96
C LEU B 292 11.92 0.58 9.16
N GLY B 293 13.20 0.92 9.25
CA GLY B 293 14.26 0.17 8.58
C GLY B 293 14.77 -0.96 9.45
N LYS B 294 15.38 -1.97 8.79
CA LYS B 294 16.03 -3.15 9.38
C LYS B 294 17.29 -2.71 10.14
N THR B 295 17.96 -1.64 9.63
CA THR B 295 19.17 -1.02 10.19
C THR B 295 18.84 0.42 10.58
N THR B 296 19.28 0.82 11.79
CA THR B 296 19.06 2.13 12.42
C THR B 296 20.39 2.66 13.02
N PRO B 297 20.62 4.00 13.08
CA PRO B 297 21.87 4.49 13.70
C PRO B 297 21.93 4.15 15.18
N ASP B 298 23.15 4.01 15.73
CA ASP B 298 23.35 3.70 17.15
C ASP B 298 22.81 4.87 17.99
N PRO B 299 21.71 4.68 18.78
CA PRO B 299 21.14 5.81 19.54
C PRO B 299 22.04 6.46 20.59
N SER B 300 23.02 5.71 21.14
CA SER B 300 23.96 6.24 22.13
C SER B 300 24.99 7.19 21.50
N ALA B 301 25.10 7.16 20.15
CA ALA B 301 26.02 8.00 19.38
C ALA B 301 25.35 9.28 18.82
N ASN B 302 24.06 9.51 19.16
CA ASN B 302 23.28 10.68 18.76
C ASN B 302 23.90 11.93 19.40
N ILE B 303 24.14 12.97 18.58
CA ILE B 303 24.73 14.22 19.06
C ILE B 303 23.77 15.40 18.77
N SER B 304 24.04 16.57 19.37
CA SER B 304 23.22 17.77 19.18
C SER B 304 24.03 18.88 18.50
N LEU B 305 23.46 19.45 17.42
CA LEU B 305 24.02 20.57 16.66
C LEU B 305 22.96 21.68 16.62
N ASP B 306 23.20 22.74 17.42
CA ASP B 306 22.31 23.90 17.58
C ASP B 306 20.92 23.49 18.10
N GLY B 307 20.90 22.59 19.09
CA GLY B 307 19.67 22.09 19.73
C GLY B 307 18.90 21.04 18.95
N VAL B 308 19.41 20.62 17.77
CA VAL B 308 18.77 19.62 16.90
C VAL B 308 19.58 18.32 16.95
N ASP B 309 18.89 17.18 17.10
CA ASP B 309 19.51 15.86 17.14
C ASP B 309 20.03 15.41 15.78
N VAL B 310 21.31 14.95 15.76
CA VAL B 310 22.03 14.46 14.58
C VAL B 310 22.27 12.93 14.77
N PRO B 311 21.52 12.06 14.04
CA PRO B 311 21.73 10.61 14.20
C PRO B 311 22.92 10.11 13.36
N LEU B 312 24.15 10.51 13.76
CA LEU B 312 25.37 10.17 13.01
C LEU B 312 26.06 8.88 13.48
N GLY B 313 25.37 8.09 14.28
CA GLY B 313 25.90 6.82 14.78
C GLY B 313 25.99 5.80 13.67
N THR B 314 26.90 4.82 13.84
CA THR B 314 27.05 3.73 12.85
C THR B 314 25.88 2.76 12.93
N GLY B 315 25.49 2.25 11.76
CA GLY B 315 24.37 1.35 11.56
C GLY B 315 24.43 0.05 12.33
N ILE B 316 23.36 -0.22 13.09
CA ILE B 316 23.17 -1.43 13.91
C ILE B 316 21.77 -1.99 13.61
N SER B 317 21.49 -3.26 14.00
CA SER B 317 20.17 -3.85 13.80
C SER B 317 19.14 -3.10 14.65
N SER B 318 18.00 -2.75 14.05
CA SER B 318 16.92 -2.04 14.72
C SER B 318 16.10 -2.96 15.64
N GLY B 319 16.09 -4.25 15.32
CA GLY B 319 15.30 -5.24 16.05
C GLY B 319 13.92 -5.40 15.44
N VAL B 320 13.61 -4.57 14.41
CA VAL B 320 12.34 -4.58 13.69
C VAL B 320 12.34 -5.76 12.71
N ASN B 321 11.33 -6.63 12.83
CA ASN B 321 11.16 -7.82 11.98
C ASN B 321 10.05 -7.66 10.96
N ASP B 322 10.22 -8.31 9.78
CA ASP B 322 9.29 -8.37 8.67
C ASP B 322 8.89 -6.98 8.14
N THR B 323 9.90 -6.19 7.78
CA THR B 323 9.73 -4.84 7.22
C THR B 323 10.21 -4.82 5.78
N SER B 324 9.64 -3.95 4.95
CA SER B 324 10.03 -3.82 3.55
C SER B 324 11.25 -2.88 3.34
N LEU B 325 11.72 -2.21 4.41
CA LEU B 325 12.82 -1.24 4.28
C LEU B 325 14.12 -1.68 4.94
N LEU B 326 15.23 -1.52 4.20
CA LEU B 326 16.57 -1.83 4.71
C LEU B 326 16.99 -0.73 5.67
N TYR B 327 16.65 0.54 5.34
CA TYR B 327 16.98 1.72 6.15
C TYR B 327 15.75 2.59 6.42
N ASN B 328 15.83 3.41 7.47
CA ASN B 328 14.76 4.33 7.87
C ASN B 328 14.46 5.40 6.80
N GLU B 329 13.25 5.93 6.87
CA GLU B 329 12.80 7.07 6.09
C GLU B 329 11.76 7.81 6.89
N TYR B 330 11.72 9.14 6.71
CA TYR B 330 10.86 10.03 7.46
C TYR B 330 10.07 10.89 6.50
N ILE B 331 8.75 11.04 6.76
CA ILE B 331 7.88 11.81 5.88
C ILE B 331 7.03 12.83 6.66
N VAL B 332 7.00 14.08 6.16
CA VAL B 332 6.16 15.17 6.68
C VAL B 332 5.16 15.60 5.59
N TYR B 333 3.94 15.98 6.00
CA TYR B 333 2.85 16.30 5.08
C TYR B 333 2.44 17.78 5.07
N ASP B 334 3.22 18.62 5.76
CA ASP B 334 3.06 20.08 5.82
C ASP B 334 4.43 20.66 5.51
N ILE B 335 4.52 21.49 4.46
CA ILE B 335 5.76 22.13 3.98
C ILE B 335 6.44 23.01 5.06
N ALA B 336 5.63 23.55 6.00
CA ALA B 336 6.11 24.39 7.11
C ALA B 336 6.92 23.63 8.18
N GLN B 337 6.90 22.27 8.15
CA GLN B 337 7.65 21.43 9.11
C GLN B 337 9.14 21.24 8.75
N VAL B 338 9.60 21.86 7.65
CA VAL B 338 10.98 21.75 7.17
C VAL B 338 11.72 23.09 7.23
N ASN B 339 12.93 23.07 7.82
CA ASN B 339 13.84 24.22 7.83
C ASN B 339 15.18 23.78 7.27
N LEU B 340 15.45 24.09 5.99
CA LEU B 340 16.70 23.76 5.29
C LEU B 340 17.87 24.48 5.94
N LYS B 341 18.91 23.73 6.30
CA LYS B 341 20.08 24.27 7.03
C LYS B 341 21.37 24.29 6.23
N TYR B 342 21.72 23.16 5.57
CA TYR B 342 22.97 23.07 4.79
C TYR B 342 22.75 22.45 3.43
N LEU B 343 23.69 22.76 2.52
CA LEU B 343 23.76 22.22 1.17
C LEU B 343 25.20 21.75 0.94
N LEU B 344 25.36 20.47 0.56
CA LEU B 344 26.66 19.85 0.33
C LEU B 344 26.87 19.54 -1.14
N LYS B 345 28.06 19.84 -1.64
CA LYS B 345 28.49 19.49 -2.99
C LYS B 345 29.43 18.29 -2.78
N LEU B 346 29.02 17.13 -3.34
CA LEU B 346 29.74 15.87 -3.20
C LEU B 346 30.35 15.37 -4.51
N LYS B 347 31.52 14.71 -4.40
CA LYS B 347 32.16 14.04 -5.52
C LYS B 347 31.87 12.55 -5.38
N PHE B 348 31.27 11.97 -6.41
CA PHE B 348 30.92 10.55 -6.45
C PHE B 348 32.05 9.78 -7.16
N ASN B 349 32.72 8.89 -6.41
CA ASN B 349 33.82 8.07 -6.93
C ASN B 349 33.31 6.66 -7.23
N PHE B 350 32.84 6.44 -8.48
CA PHE B 350 32.30 5.17 -8.95
C PHE B 350 33.36 4.07 -9.04
N LYS B 351 33.06 2.87 -8.56
CA LYS B 351 34.01 1.76 -8.58
C LYS B 351 33.74 0.77 -9.69
N THR B 352 34.82 0.23 -10.31
CA THR B 352 34.75 -0.76 -11.40
C THR B 352 35.61 -2.00 -11.09
C1 VKW C . -7.58 -18.57 7.56
C2 VKW C . -8.54 -19.51 7.34
C3 VKW C . -9.01 -17.97 5.87
C7 VKW C . -10.69 -17.05 2.62
C8 VKW C . -10.38 -17.94 3.82
C9 VKW C . -11.79 -14.98 1.94
C10 VKW C . -12.82 -13.93 2.29
C11 VKW C . -13.43 -13.30 1.05
C12 VKW C . -14.05 -11.95 1.23
C13 VKW C . -16.11 -10.79 1.83
C14 VKW C . -15.34 -9.55 1.59
C15 VKW C . -15.94 -8.30 1.76
C16 VKW C . -15.22 -7.13 1.53
C19 VKW C . -14.00 -9.64 1.18
CL VKW C . -11.63 -8.52 0.45
C18 VKW C . -13.31 -8.45 0.96
C17 VKW C . -13.90 -7.20 1.13
O VKW C . -17.28 -10.82 2.19
N4 VKW C . -15.41 -11.96 1.64
N5 VKW C . -13.35 -10.85 1.00
N3 VKW C . -11.37 -15.83 3.06
C6 VKW C . -10.49 -15.09 3.98
C5 VKW C . -10.21 -15.93 5.21
N2 VKW C . -9.59 -17.21 4.82
N VKW C . -9.38 -19.13 6.32
N1 VKW C . -7.90 -17.56 6.59
C4 VKW C . -7.14 -16.31 6.42
C VKW C . -6.47 -18.53 8.56
S SO4 D . -15.16 -2.50 -4.56
O1 SO4 D . -16.14 -3.31 -5.29
O2 SO4 D . -15.85 -1.86 -3.42
O3 SO4 D . -14.53 -1.48 -5.44
O4 SO4 D . -14.08 -3.38 -4.10
S SO4 E . 0.20 -32.99 11.53
O1 SO4 E . 1.01 -33.28 10.33
O2 SO4 E . -0.72 -34.10 11.78
O3 SO4 E . -0.58 -31.76 11.31
O4 SO4 E . 1.08 -32.83 12.68
C1 VKW F . 7.20 19.28 -6.55
C2 VKW F . 8.30 19.93 -7.02
C3 VKW F . 9.08 17.97 -6.46
C7 VKW F . 11.67 15.31 -6.95
C8 VKW F . 11.12 16.74 -7.05
C9 VKW F . 12.54 13.63 -5.40
C10 VKW F . 13.13 13.37 -4.02
C11 VKW F . 13.90 12.07 -3.95
C12 VKW F . 14.17 11.45 -2.62
C13 VKW F . 15.62 11.46 -0.64
C14 VKW F . 14.76 10.36 -0.16
C15 VKW F . 15.01 9.77 1.09
C16 VKW F . 14.20 8.72 1.53
C19 VKW F . 13.70 9.91 -0.96
CL VKW F . 11.58 8.30 -1.45
C18 VKW F . 12.90 8.86 -0.48
C17 VKW F . 13.14 8.27 0.75
O VKW F . 16.56 11.92 -0.02
N4 VKW F . 15.28 11.97 -1.88
N5 VKW F . 13.40 10.46 -2.20
N3 VKW F . 11.89 14.94 -5.54
C6 VKW F . 10.61 15.00 -4.83
C5 VKW F . 10.08 16.42 -4.84
N2 VKW F . 9.89 16.87 -6.24
N VKW F . 9.42 19.14 -6.95
N1 VKW F . 7.72 17.98 -6.18
C4 VKW F . 6.92 16.89 -5.62
C VKW F . 5.79 19.74 -6.42
S SO4 G . 15.38 0.97 1.30
O1 SO4 G . 14.21 1.76 0.90
O2 SO4 G . 15.02 -0.47 1.26
O3 SO4 G . 16.49 1.19 0.36
O4 SO4 G . 15.75 1.35 2.68
#